data_6D4L
# 
_entry.id   6D4L 
# 
_audit_conform.dict_name       mmcif_pdbx.dic 
_audit_conform.dict_version    5.379 
_audit_conform.dict_location   http://mmcif.pdb.org/dictionaries/ascii/mmcif_pdbx.dic 
# 
loop_
_database_2.database_id 
_database_2.database_code 
_database_2.pdbx_database_accession 
_database_2.pdbx_DOI 
PDB   6D4L         pdb_00006d4l 10.2210/pdb6d4l/pdb 
WWPDB D_1000233967 ?            ?                   
# 
_pdbx_database_status.status_code                     REL 
_pdbx_database_status.status_code_sf                  REL 
_pdbx_database_status.status_code_mr                  ? 
_pdbx_database_status.entry_id                        6D4L 
_pdbx_database_status.recvd_initial_deposition_date   2018-04-18 
_pdbx_database_status.SG_entry                        N 
_pdbx_database_status.deposit_site                    RCSB 
_pdbx_database_status.process_site                    RCSB 
_pdbx_database_status.status_code_cs                  ? 
_pdbx_database_status.methods_development_category    ? 
_pdbx_database_status.pdb_format_compatible           Y 
_pdbx_database_status.status_code_nmr_data            ? 
# 
loop_
_audit_author.name 
_audit_author.pdbx_ordinal 
_audit_author.identifier_ORCID 
'Kovalevsky, A.'  1 ? 
'Huang, Z.'       2 ? 
'Vandavasi, V.G.' 3 ? 
# 
loop_
_citation.abstract 
_citation.abstract_id_CAS 
_citation.book_id_ISBN 
_citation.book_publisher 
_citation.book_publisher_city 
_citation.book_title 
_citation.coordinate_linkage 
_citation.country 
_citation.database_id_Medline 
_citation.details 
_citation.id 
_citation.journal_abbrev 
_citation.journal_id_ASTM 
_citation.journal_id_CSD 
_citation.journal_id_ISSN 
_citation.journal_full 
_citation.journal_issue 
_citation.journal_volume 
_citation.language 
_citation.page_first 
_citation.page_last 
_citation.title 
_citation.year 
_citation.database_id_CSD 
_citation.pdbx_database_id_DOI 
_citation.pdbx_database_id_PubMed 
_citation.unpublished_flag 
? ? ? ? ? ? ? UK ? ? primary Structure                                STRUE6 2005 1878-4186 ? ? 26 ? 1645 ?   
'Temperature-Induced Replacement of Phosphate Proton with Metal Ion Captured in Neutron Structures of A-DNA.'                   
2018 ? 10.1016/j.str.2018.08.001 30244969 ? 
? ? ? ? ? ? ? US ? ? 1       'Acta Crystallogr. D Biol. Crystallogr.' ABCRE6 ?    1399-0047 ? ? 65 ? 567  573 
'Generalized X-ray and neutron crystallographic analysis: more accurate and complete structures for biological macromolecules.' 
2009 ? 10.1107/S0907444909011548 19465771 ? 
# 
loop_
_citation_author.citation_id 
_citation_author.name 
_citation_author.ordinal 
_citation_author.identifier_ORCID 
primary 'Vandavasi, V.G.' 1  ? 
primary 'Blakeley, M.P.'  2  ? 
primary 'Keen, D.A.'      3  ? 
primary 'Hu, L.R.'        4  ? 
primary 'Huang, Z.'       5  ? 
primary 'Kovalevsky, A.'  6  ? 
1       'Adams, P.D.'     7  ? 
1       'Mustyakimov, M.' 8  ? 
1       'Afonine, P.V.'   9  ? 
1       'Langan, P.'      10 ? 
# 
_cell.angle_alpha                  90.00 
_cell.angle_alpha_esd              ? 
_cell.angle_beta                   90.00 
_cell.angle_beta_esd               ? 
_cell.angle_gamma                  90.00 
_cell.angle_gamma_esd              ? 
_cell.entry_id                     6D4L 
_cell.details                      ? 
_cell.formula_units_Z              ? 
_cell.length_a                     42.695 
_cell.length_a_esd                 ? 
_cell.length_b                     42.695 
_cell.length_b_esd                 ? 
_cell.length_c                     24.410 
_cell.length_c_esd                 ? 
_cell.volume                       ? 
_cell.volume_esd                   ? 
_cell.Z_PDB                        8 
_cell.reciprocal_angle_alpha       ? 
_cell.reciprocal_angle_beta        ? 
_cell.reciprocal_angle_gamma       ? 
_cell.reciprocal_angle_alpha_esd   ? 
_cell.reciprocal_angle_beta_esd    ? 
_cell.reciprocal_angle_gamma_esd   ? 
_cell.reciprocal_length_a          ? 
_cell.reciprocal_length_b          ? 
_cell.reciprocal_length_c          ? 
_cell.reciprocal_length_a_esd      ? 
_cell.reciprocal_length_b_esd      ? 
_cell.reciprocal_length_c_esd      ? 
_cell.pdbx_unique_axis             ? 
# 
_symmetry.entry_id                         6D4L 
_symmetry.cell_setting                     ? 
_symmetry.Int_Tables_number                96 
_symmetry.space_group_name_Hall            ? 
_symmetry.space_group_name_H-M             'P 43 21 2' 
_symmetry.pdbx_full_space_group_name_H-M   ? 
# 
loop_
_entity.id 
_entity.type 
_entity.src_method 
_entity.pdbx_description 
_entity.formula_weight 
_entity.pdbx_number_of_molecules 
_entity.pdbx_ec 
_entity.pdbx_mutation 
_entity.pdbx_fragment 
_entity.details 
1 polymer     syn 
;DNA (5'-D(*GP*TP*GP*GP*(CSL)P*CP*AP*C)-3')
;
2520.592 1  ? ? ? ? 
2 non-polymer syn 'MAGNESIUM ION'                              24.305   1  ? ? ? ? 
3 water       nat water                                        18.015   29 ? ? ? ? 
# 
_entity_poly.entity_id                      1 
_entity_poly.type                           polydeoxyribonucleotide 
_entity_poly.nstd_linkage                   no 
_entity_poly.nstd_monomer                   yes 
_entity_poly.pdbx_seq_one_letter_code       '(DG)(DT)(DG)(DG)(CSL)(DC)(DA)(DC)' 
_entity_poly.pdbx_seq_one_letter_code_can   GTGGCCAC 
_entity_poly.pdbx_strand_id                 A 
_entity_poly.pdbx_target_identifier         ? 
# 
loop_
_entity_poly_seq.entity_id 
_entity_poly_seq.num 
_entity_poly_seq.mon_id 
_entity_poly_seq.hetero 
1 1 DG  n 
1 2 DT  n 
1 3 DG  n 
1 4 DG  n 
1 5 CSL n 
1 6 DC  n 
1 7 DA  n 
1 8 DC  n 
# 
_pdbx_entity_src_syn.entity_id              1 
_pdbx_entity_src_syn.pdbx_src_id            1 
_pdbx_entity_src_syn.pdbx_alt_source_flag   sample 
_pdbx_entity_src_syn.pdbx_beg_seq_num       1 
_pdbx_entity_src_syn.pdbx_end_seq_num       8 
_pdbx_entity_src_syn.organism_scientific    'synthetic construct' 
_pdbx_entity_src_syn.organism_common_name   ? 
_pdbx_entity_src_syn.ncbi_taxonomy_id       32630 
_pdbx_entity_src_syn.details                ? 
# 
_struct_ref.id                         1 
_struct_ref.db_name                    PDB 
_struct_ref.db_code                    6D4L 
_struct_ref.pdbx_db_accession          6D4L 
_struct_ref.pdbx_db_isoform            ? 
_struct_ref.entity_id                  1 
_struct_ref.pdbx_seq_one_letter_code   ? 
_struct_ref.pdbx_align_begin           1 
# 
_struct_ref_seq.align_id                      1 
_struct_ref_seq.ref_id                        1 
_struct_ref_seq.pdbx_PDB_id_code              6D4L 
_struct_ref_seq.pdbx_strand_id                A 
_struct_ref_seq.seq_align_beg                 1 
_struct_ref_seq.pdbx_seq_align_beg_ins_code   ? 
_struct_ref_seq.seq_align_end                 8 
_struct_ref_seq.pdbx_seq_align_end_ins_code   ? 
_struct_ref_seq.pdbx_db_accession             6D4L 
_struct_ref_seq.db_align_beg                  1 
_struct_ref_seq.pdbx_db_align_beg_ins_code    ? 
_struct_ref_seq.db_align_end                  8 
_struct_ref_seq.pdbx_db_align_end_ins_code    ? 
_struct_ref_seq.pdbx_auth_seq_align_beg       1 
_struct_ref_seq.pdbx_auth_seq_align_end       8 
# 
loop_
_chem_comp.id 
_chem_comp.type 
_chem_comp.mon_nstd_flag 
_chem_comp.name 
_chem_comp.pdbx_synonyms 
_chem_comp.formula 
_chem_comp.formula_weight 
CSL 'DNA linking' n "(D)-2'-METHYLSELENYL-2'-DEOXYCYTIDINE-5'-PHOSPHATE" "(D)-2'-DEOXY-2'-SE-METHYLCYTIDINE-5'-PHOSPHATE" 
'C10 H16 N3 O7 P Se' 400.184 
DA  'DNA linking' y "2'-DEOXYADENOSINE-5'-MONOPHOSPHATE"                 ?                                                
'C10 H14 N5 O6 P'    331.222 
DC  'DNA linking' y "2'-DEOXYCYTIDINE-5'-MONOPHOSPHATE"                  ?                                                
'C9 H14 N3 O7 P'     307.197 
DG  'DNA linking' y "2'-DEOXYGUANOSINE-5'-MONOPHOSPHATE"                 ?                                                
'C10 H14 N5 O7 P'    347.221 
DOD non-polymer   . 'DEUTERATED WATER'                                   ?                                                'D2 O' 
20.028  
DT  'DNA linking' y "THYMIDINE-5'-MONOPHOSPHATE"                         ?                                                
'C10 H15 N2 O8 P'    322.208 
MG  non-polymer   . 'MAGNESIUM ION'                                      ?                                                'Mg 2' 
24.305  
# 
loop_
_exptl.absorpt_coefficient_mu 
_exptl.absorpt_correction_T_max 
_exptl.absorpt_correction_T_min 
_exptl.absorpt_correction_type 
_exptl.absorpt_process_details 
_exptl.entry_id 
_exptl.crystals_number 
_exptl.details 
_exptl.method 
_exptl.method_details 
? ? ? ? ? 6D4L 1 ? 'X-RAY DIFFRACTION'   ? 
? ? ? ? ? 6D4L 1 ? 'NEUTRON DIFFRACTION' ? 
# 
_exptl_crystal.colour                      ? 
_exptl_crystal.density_diffrn              ? 
_exptl_crystal.density_Matthews            2.15 
_exptl_crystal.density_method              ? 
_exptl_crystal.density_percent_sol         42.87 
_exptl_crystal.description                 ? 
_exptl_crystal.F_000                       ? 
_exptl_crystal.id                          1 
_exptl_crystal.preparation                 ? 
_exptl_crystal.size_max                    ? 
_exptl_crystal.size_mid                    ? 
_exptl_crystal.size_min                    ? 
_exptl_crystal.size_rad                    ? 
_exptl_crystal.colour_lustre               ? 
_exptl_crystal.colour_modifier             ? 
_exptl_crystal.colour_primary              ? 
_exptl_crystal.density_meas                ? 
_exptl_crystal.density_meas_esd            ? 
_exptl_crystal.density_meas_gt             ? 
_exptl_crystal.density_meas_lt             ? 
_exptl_crystal.density_meas_temp           ? 
_exptl_crystal.density_meas_temp_esd       ? 
_exptl_crystal.density_meas_temp_gt        ? 
_exptl_crystal.density_meas_temp_lt        ? 
_exptl_crystal.pdbx_crystal_image_url      ? 
_exptl_crystal.pdbx_crystal_image_format   ? 
_exptl_crystal.pdbx_mosaicity              ? 
_exptl_crystal.pdbx_mosaicity_esd          ? 
# 
_exptl_crystal_grow.apparatus       ? 
_exptl_crystal_grow.atmosphere      ? 
_exptl_crystal_grow.crystal_id      1 
_exptl_crystal_grow.details         ? 
_exptl_crystal_grow.method          'VAPOR DIFFUSION, SITTING DROP' 
_exptl_crystal_grow.method_ref      ? 
_exptl_crystal_grow.pH              5.6 
_exptl_crystal_grow.pressure        ? 
_exptl_crystal_grow.pressure_esd    ? 
_exptl_crystal_grow.seeding         ? 
_exptl_crystal_grow.seeding_ref     ? 
_exptl_crystal_grow.temp            303 
_exptl_crystal_grow.temp_details    ? 
_exptl_crystal_grow.temp_esd        ? 
_exptl_crystal_grow.time            ? 
_exptl_crystal_grow.pdbx_details    '0.1 M magnesium acetate, 30% MPD, 0.1 M MES' 
_exptl_crystal_grow.pdbx_pH_range   ? 
# 
loop_
_diffrn.ambient_environment 
_diffrn.ambient_temp 
_diffrn.ambient_temp_details 
_diffrn.ambient_temp_esd 
_diffrn.crystal_id 
_diffrn.crystal_support 
_diffrn.crystal_treatment 
_diffrn.details 
_diffrn.id 
_diffrn.ambient_pressure 
_diffrn.ambient_pressure_esd 
_diffrn.ambient_pressure_gt 
_diffrn.ambient_pressure_lt 
_diffrn.ambient_temp_gt 
_diffrn.ambient_temp_lt 
? 293 ? ? 1 ? ? ? 1 ? ? ? ? ? ? 
? 293 ? ? 1 ? ? ? 2 ? ? ? ? ? ? 
# 
loop_
_diffrn_detector.details 
_diffrn_detector.detector 
_diffrn_detector.diffrn_id 
_diffrn_detector.type 
_diffrn_detector.area_resol_mean 
_diffrn_detector.dtime 
_diffrn_detector.pdbx_frames_total 
_diffrn_detector.pdbx_collection_time_total 
_diffrn_detector.pdbx_collection_date 
'osmic varimax' 'IMAGE PLATE' 1 'RIGAKU RAXIS IV++' ? ? ? ? 2015-01-22 
collimators     'IMAGE PLATE' 2 'LADI III'          ? ? ? ? 2015-08-15 
# 
loop_
_diffrn_radiation.collimation 
_diffrn_radiation.diffrn_id 
_diffrn_radiation.filter_edge 
_diffrn_radiation.inhomogeneity 
_diffrn_radiation.monochromator 
_diffrn_radiation.polarisn_norm 
_diffrn_radiation.polarisn_ratio 
_diffrn_radiation.probe 
_diffrn_radiation.type 
_diffrn_radiation.xray_symbol 
_diffrn_radiation.wavelength_id 
_diffrn_radiation.pdbx_monochromatic_or_laue_m_l 
_diffrn_radiation.pdbx_wavelength_list 
_diffrn_radiation.pdbx_wavelength 
_diffrn_radiation.pdbx_diffrn_protocol 
_diffrn_radiation.pdbx_analyzer 
_diffrn_radiation.pdbx_scattering_type 
? 1 ? ? ? ? ? ? ? ? 1 M ? ? 'SINGLE WAVELENGTH' ? x-ray   
? 2 ? ? ? ? ? ? ? ? 2 L ? ? LAUE                ? neutron 
# 
loop_
_diffrn_radiation_wavelength.id 
_diffrn_radiation_wavelength.wavelength 
_diffrn_radiation_wavelength.wt 
1 1.54 1.0 
2 2.8  1.0 
3 4.0  1.0 
# 
loop_
_diffrn_source.current 
_diffrn_source.details 
_diffrn_source.diffrn_id 
_diffrn_source.power 
_diffrn_source.size 
_diffrn_source.source 
_diffrn_source.target 
_diffrn_source.type 
_diffrn_source.voltage 
_diffrn_source.take-off_angle 
_diffrn_source.pdbx_wavelength_list 
_diffrn_source.pdbx_wavelength 
_diffrn_source.pdbx_synchrotron_beamline 
_diffrn_source.pdbx_synchrotron_site 
? ? 1 ? ? 'ROTATING ANODE'  ? 'RIGAKU MICROMAX-007 HF' ? ? 1.54    ? ?          ?   
? ? 2 ? ? 'NUCLEAR REACTOR' ? 'ILL BEAMLINE LADI III'  ? ? 2.8-4.0 ? 'LADI III' ILL 
# 
loop_
_reflns.entry_id 
_reflns.d_resolution_high 
_reflns.d_resolution_low 
_reflns.number_obs 
_reflns.percent_possible_obs 
_reflns.pdbx_redundancy 
_reflns.pdbx_Rmerge_I_obs 
_reflns.pdbx_netI_over_sigmaI 
_reflns.pdbx_diffrn_id 
_reflns.pdbx_ordinal 
_reflns.number_all 
_reflns.observed_criterion_sigma_F 
_reflns.observed_criterion_sigma_I 
_reflns.pdbx_Rsym_value 
_reflns.pdbx_CC_half 
_reflns.pdbx_Rpim_I_all 
_reflns.pdbx_Rrim_I_all 
_reflns.B_iso_Wilson_estimate 
6D4L 1.56 40 3414 96.8 6.7 0.033 45.8 1 1 ? ? ? ? ? ? ? ? 
6D4L 2.00 20 1257 74.2 5.6 0.176 7.70 2 2 ? ? ? ? ? ? ? ? 
# 
loop_
_reflns_shell.d_res_high 
_reflns_shell.d_res_low 
_reflns_shell.percent_possible_all 
_reflns_shell.Rmerge_I_obs 
_reflns_shell.pdbx_redundancy 
_reflns_shell.pdbx_netI_over_sigmaI_obs 
_reflns_shell.pdbx_ordinal 
_reflns_shell.pdbx_diffrn_id 
_reflns_shell.number_measured_obs 
_reflns_shell.number_unique_all 
_reflns_shell.number_unique_obs 
_reflns_shell.pdbx_Rsym_value 
_reflns_shell.pdbx_CC_half 
_reflns_shell.pdbx_Rpim_I_all 
_reflns_shell.pdbx_Rrim_I_all 
_reflns_shell.meanI_over_sigI_obs 
1.56 1.62 76.8 0.417 3.3 2.10 1 1 ? ? ? ? ? ? ? ? 
2.00 2.11 58.1 0.289 2.8 3.50 2 2 ? ? ? ? ? ? ? ? 
# 
loop_
_refine.aniso_B[1][1] 
_refine.aniso_B[1][2] 
_refine.aniso_B[1][3] 
_refine.aniso_B[2][2] 
_refine.aniso_B[2][3] 
_refine.aniso_B[3][3] 
_refine.B_iso_max 
_refine.B_iso_mean 
_refine.B_iso_min 
_refine.correlation_coeff_Fo_to_Fc 
_refine.correlation_coeff_Fo_to_Fc_free 
_refine.details 
_refine.diff_density_max 
_refine.diff_density_max_esd 
_refine.diff_density_min 
_refine.diff_density_min_esd 
_refine.diff_density_rms 
_refine.diff_density_rms_esd 
_refine.entry_id 
_refine.pdbx_refine_id 
_refine.ls_abs_structure_details 
_refine.ls_abs_structure_Flack 
_refine.ls_abs_structure_Flack_esd 
_refine.ls_abs_structure_Rogers 
_refine.ls_abs_structure_Rogers_esd 
_refine.ls_d_res_high 
_refine.ls_d_res_low 
_refine.ls_extinction_coef 
_refine.ls_extinction_coef_esd 
_refine.ls_extinction_expression 
_refine.ls_extinction_method 
_refine.ls_goodness_of_fit_all 
_refine.ls_goodness_of_fit_all_esd 
_refine.ls_goodness_of_fit_obs 
_refine.ls_goodness_of_fit_obs_esd 
_refine.ls_hydrogen_treatment 
_refine.ls_matrix_type 
_refine.ls_number_constraints 
_refine.ls_number_parameters 
_refine.ls_number_reflns_all 
_refine.ls_number_reflns_obs 
_refine.ls_number_reflns_R_free 
_refine.ls_number_reflns_R_work 
_refine.ls_number_restraints 
_refine.ls_percent_reflns_obs 
_refine.ls_percent_reflns_R_free 
_refine.ls_R_factor_all 
_refine.ls_R_factor_obs 
_refine.ls_R_factor_R_free 
_refine.ls_R_factor_R_free_error 
_refine.ls_R_factor_R_free_error_details 
_refine.ls_R_factor_R_work 
_refine.ls_R_Fsqd_factor_obs 
_refine.ls_R_I_factor_obs 
_refine.ls_redundancy_reflns_all 
_refine.ls_redundancy_reflns_obs 
_refine.ls_restrained_S_all 
_refine.ls_restrained_S_obs 
_refine.ls_shift_over_esd_max 
_refine.ls_shift_over_esd_mean 
_refine.ls_structure_factor_coef 
_refine.ls_weighting_details 
_refine.ls_weighting_scheme 
_refine.ls_wR_factor_all 
_refine.ls_wR_factor_obs 
_refine.ls_wR_factor_R_free 
_refine.ls_wR_factor_R_work 
_refine.occupancy_max 
_refine.occupancy_min 
_refine.solvent_model_details 
_refine.solvent_model_param_bsol 
_refine.solvent_model_param_ksol 
_refine.ls_R_factor_gt 
_refine.ls_goodness_of_fit_gt 
_refine.ls_goodness_of_fit_ref 
_refine.ls_shift_over_su_max 
_refine.ls_shift_over_su_max_lt 
_refine.ls_shift_over_su_mean 
_refine.ls_shift_over_su_mean_lt 
_refine.pdbx_ls_sigma_I 
_refine.pdbx_ls_sigma_F 
_refine.pdbx_ls_sigma_Fsqd 
_refine.pdbx_data_cutoff_high_absF 
_refine.pdbx_data_cutoff_high_rms_absF 
_refine.pdbx_data_cutoff_low_absF 
_refine.pdbx_isotropic_thermal_model 
_refine.pdbx_ls_cross_valid_method 
_refine.pdbx_method_to_determine_struct 
_refine.pdbx_starting_model 
_refine.pdbx_stereochemistry_target_values 
_refine.pdbx_R_Free_selection_details 
_refine.pdbx_stereochem_target_val_spec_case 
_refine.pdbx_overall_ESU_R 
_refine.pdbx_overall_ESU_R_Free 
_refine.pdbx_solvent_vdw_probe_radii 
_refine.pdbx_solvent_ion_probe_radii 
_refine.pdbx_solvent_shrinkage_radii 
_refine.pdbx_real_space_R 
_refine.pdbx_density_correlation 
_refine.pdbx_pd_number_of_powder_patterns 
_refine.pdbx_pd_number_of_points 
_refine.pdbx_pd_meas_number_of_points 
_refine.pdbx_pd_proc_ls_prof_R_factor 
_refine.pdbx_pd_proc_ls_prof_wR_factor 
_refine.pdbx_pd_Marquardt_correlation_coeff 
_refine.pdbx_pd_Fsqrd_R_factor 
_refine.pdbx_pd_ls_matrix_band_width 
_refine.pdbx_overall_phase_error 
_refine.pdbx_overall_SU_R_free_Cruickshank_DPI 
_refine.pdbx_overall_SU_R_free_Blow_DPI 
_refine.pdbx_overall_SU_R_Blow_DPI 
_refine.pdbx_TLS_residual_ADP_flag 
_refine.pdbx_diffrn_id 
_refine.overall_SU_B 
_refine.overall_SU_ML 
_refine.overall_SU_R_Cruickshank_DPI 
_refine.overall_SU_R_free 
_refine.overall_FOM_free_R_set 
_refine.overall_FOM_work_R_set 
_refine.pdbx_average_fsc_overall 
_refine.pdbx_average_fsc_work 
_refine.pdbx_average_fsc_free 
? ? ? ? ? ? 90.31 27.66 8.69 ? ? ? ? ? ? ? ? ? 6D4L 'X-RAY DIFFRACTION'   ? ? ? ? ? 1.56 40.0 ? ? ? ? ? ? ? ? ? ? ? ? 3484 2960 
198 ? ? 84.6 5.0 ? ? 0.276 ? ? 0.242 ? ? ? ? ? ? ? ? ? ? ? ? ? ? ? ? ? ? 300 0.642621 ? ? ? ? ? ? ? ? 2.5 ? ? ? ? ? 'FREE R-VALUE' 
'MOLECULAR REPLACEMENT' 'PDB entry 4FP6' 'joint X_ray/neutron ML' random ? ? ? ? ? ? ? ? ? ? ? ? ? ? ? ? ? ? ? ? ? ? ? ? ? ? ? ? ? 
? ? 
? ? ? ? ? ? 90.31 27.66 8.69 ? ? ? ? ? ? ? ? ? 6D4L 'NEUTRON DIFFRACTION' ? ? ? ? ? 2.00 20.0 ? ? ? ? ? ? ? ? ? ? ? ? 1717 1204 64 
? ? 70.0 5.0 ? ? 0.312 ? ? 0.250 ? ? ? ? ? ? ? ? ? ? ? ? ? ? ? ? ? ? 300 0.642621 ? ? ? ? ? ? ? ? 2.5 ? ? ? ? ? 'FREE R-VALUE' 
'MOLECULAR REPLACEMENT' ?                'joint X_ray/neutron ML' random ? ? ? ? ? ? ? ? ? ? ? ? ? ? ? ? ? ? ? ? ? ? ? ? ? ? ? ? ? 
? ? 
# 
loop_
_refine_analyze.entry_id 
_refine_analyze.pdbx_refine_id 
_refine_analyze.Luzzati_coordinate_error_free 
_refine_analyze.Luzzati_coordinate_error_obs 
_refine_analyze.Luzzati_d_res_low_free 
_refine_analyze.Luzzati_d_res_low_obs 
_refine_analyze.Luzzati_sigma_a_free 
_refine_analyze.Luzzati_sigma_a_free_details 
_refine_analyze.Luzzati_sigma_a_obs 
_refine_analyze.Luzzati_sigma_a_obs_details 
_refine_analyze.number_disordered_residues 
_refine_analyze.occupancy_sum_hydrogen 
_refine_analyze.occupancy_sum_non_hydrogen 
_refine_analyze.RG_d_res_high 
_refine_analyze.RG_d_res_low 
_refine_analyze.RG_free 
_refine_analyze.RG_work 
_refine_analyze.RG_free_work_ratio 
_refine_analyze.pdbx_Luzzati_d_res_high_obs 
6D4L 'X-RAY DIFFRACTION'   0.20 0.20 ? 5.00 ?    ? 0.12 ? ? ? ? ? ? ? ? ? 1.56 
6D4L 'NEUTRON DIFFRACTION' 0.50 0.31 ? 5.00 0.51 ? 0.56 ? ? ? ? ? ? ? ? ? 2.00 
# 
_refine_hist.pdbx_refine_id                   'X-RAY DIFFRACTION' 
_refine_hist.cycle_id                         LAST 
_refine_hist.pdbx_number_atoms_protein        163 
_refine_hist.pdbx_number_atoms_nucleic_acid   0 
_refine_hist.pdbx_number_atoms_ligand         1 
_refine_hist.number_atoms_solvent             29 
_refine_hist.number_atoms_total               193 
_refine_hist.d_res_high                       1.56 
_refine_hist.d_res_low                        40.0 
# 
loop_
_refine_ls_restr.pdbx_refine_id 
_refine_ls_restr.criterion 
_refine_ls_restr.dev_ideal 
_refine_ls_restr.dev_ideal_target 
_refine_ls_restr.number 
_refine_ls_restr.rejects 
_refine_ls_restr.type 
_refine_ls_restr.weight 
_refine_ls_restr.pdbx_restraint_function 
'X-RAY DIFFRACTION'   ? 0.007 ? ? ? x_bond_d           ? ? 
'X-RAY DIFFRACTION'   ? 1.0   ? ? ? x_angle_deg        ? ? 
'X-RAY DIFFRACTION'   ? 0.5   ? ? ? x_torsion_deg      ? ? 
'X-RAY DIFFRACTION'   ? 1.03  ? ? ? x_torsion_impr_deg ? ? 
'NEUTRON DIFFRACTION' ? 0.007 ? ? ? x_bond_d           ? ? 
'NEUTRON DIFFRACTION' ? 1.0   ? ? ? x_angle_deg        ? ? 
'NEUTRON DIFFRACTION' ? 0.5   ? ? ? x_torsion_deg      ? ? 
'NEUTRON DIFFRACTION' ? 1.03  ? ? ? x_torsion_impr_deg ? ? 
# 
loop_
_refine_ls_shell.pdbx_refine_id 
_refine_ls_shell.d_res_high 
_refine_ls_shell.d_res_low 
_refine_ls_shell.number_reflns_all 
_refine_ls_shell.number_reflns_obs 
_refine_ls_shell.number_reflns_R_free 
_refine_ls_shell.number_reflns_R_work 
_refine_ls_shell.percent_reflns_obs 
_refine_ls_shell.percent_reflns_R_free 
_refine_ls_shell.R_factor_all 
_refine_ls_shell.R_factor_obs 
_refine_ls_shell.R_factor_R_free 
_refine_ls_shell.R_factor_R_free_error 
_refine_ls_shell.R_factor_R_work 
_refine_ls_shell.redundancy_reflns_all 
_refine_ls_shell.redundancy_reflns_obs 
_refine_ls_shell.wR_factor_all 
_refine_ls_shell.wR_factor_obs 
_refine_ls_shell.wR_factor_R_free 
_refine_ls_shell.wR_factor_R_work 
_refine_ls_shell.pdbx_total_number_of_bins_used 
_refine_ls_shell.pdbx_phase_error 
_refine_ls_shell.pdbx_fsc_work 
_refine_ls_shell.pdbx_fsc_free 
'X-RAY DIFFRACTION'   1.56 1.63  428 144 9  135 33.6 5.0 . . 0.168 0.056 0.298 . . . . . . 8 . . . 
'X-RAY DIFFRACTION'   1.63 1.72  416 317 22 295 76.0 6.9 . . 0.198 0.042 0.224 . . . . . . 8 . . . 
'X-RAY DIFFRACTION'   1.72 1.83  419 360 23 337 85.9 6.4 . . 0.215 0.045 0.225 . . . . . . 8 . . . 
'X-RAY DIFFRACTION'   1.83 1.97  427 384 23 361 89.9 6.0 . . 0.235 0.049 0.231 . . . . . . 8 . . . 
'X-RAY DIFFRACTION'   1.97 2.17  436 404 28 376 92.7 6.9 . . 0.309 0.058 0.240 . . . . . . 8 . . . 
'X-RAY DIFFRACTION'   2.17 2.48  431 409 25 384 94.9 6.1 . . 0.228 0.046 0.248 . . . . . . 8 . . . 
'X-RAY DIFFRACTION'   2.48 3.12  445 427 32 395 96.0 7.5 . . 0.262 0.046 0.241 . . . . . . 8 . . . 
'X-RAY DIFFRACTION'   3.12 30.19 485 468 31 437 96.3 6.6 . . 0.321 0.058 0.245 . . . . . . 8 . . . 
'NEUTRON DIFFRACTION' 2.00 2.09  212 102 6  96  48.1 5.0 . . 0.434 0.177 0.452 . . . . . . 8 . . . 
'NEUTRON DIFFRACTION' 2.09 2.20  203 101 5  96  49.5 5.0 . . 0.242 0.108 0.364 . . . . . . 8 . . . 
'NEUTRON DIFFRACTION' 2.20 2.34  208 115 9  106 55.3 7.8 . . 0.534 0.178 0.391 . . . . . . 8 . . . 
'NEUTRON DIFFRACTION' 2.34 2.52  211 129 9  120 61.1 7.0 . . 0.455 0.152 0.315 . . . . . . 8 . . . 
'NEUTRON DIFFRACTION' 2.52 2.77  207 155 11 144 74.9 7.1 . . 0.231 0.070 0.247 . . . . . . 8 . . . 
'NEUTRON DIFFRACTION' 2.77 3.17  215 170 12 158 79.1 7.1 . . 0.352 0.102 0.225 . . . . . . 8 . . . 
'NEUTRON DIFFRACTION' 3.17 3.99  218 200 17 183 91.7 8.5 . . 0.209 0.051 0.179 . . . . . . 8 . . . 
'NEUTRON DIFFRACTION' 3.99 19.09 245 232 9  223 94.7 3.9 . . 0.337 0.112 0.210 . . . . . . 8 . . . 
# 
_struct.entry_id                     6D4L 
_struct.title                        
;Joint X-ray/neutron structure of DNA oligonucleotide d(GTGGCCAC)2 with 2'-SeCH3 modification on Cyt5
;
_struct.pdbx_model_details           ? 
_struct.pdbx_formula_weight          ? 
_struct.pdbx_formula_weight_method   ? 
_struct.pdbx_model_type_details      ? 
_struct.pdbx_CASP_flag               N 
# 
_struct_keywords.entry_id        6D4L 
_struct_keywords.text            'DNA oligonucleotide selenium modification, DNA' 
_struct_keywords.pdbx_keywords   DNA 
# 
loop_
_struct_asym.id 
_struct_asym.pdbx_blank_PDB_chainid_flag 
_struct_asym.pdbx_modified 
_struct_asym.entity_id 
_struct_asym.details 
A N N 1 ? 
B N N 2 ? 
C N N 3 ? 
# 
loop_
_struct_conn.id 
_struct_conn.conn_type_id 
_struct_conn.pdbx_leaving_atom_flag 
_struct_conn.pdbx_PDB_id 
_struct_conn.ptnr1_label_asym_id 
_struct_conn.ptnr1_label_comp_id 
_struct_conn.ptnr1_label_seq_id 
_struct_conn.ptnr1_label_atom_id 
_struct_conn.pdbx_ptnr1_label_alt_id 
_struct_conn.pdbx_ptnr1_PDB_ins_code 
_struct_conn.pdbx_ptnr1_standard_comp_id 
_struct_conn.ptnr1_symmetry 
_struct_conn.ptnr2_label_asym_id 
_struct_conn.ptnr2_label_comp_id 
_struct_conn.ptnr2_label_seq_id 
_struct_conn.ptnr2_label_atom_id 
_struct_conn.pdbx_ptnr2_label_alt_id 
_struct_conn.pdbx_ptnr2_PDB_ins_code 
_struct_conn.ptnr1_auth_asym_id 
_struct_conn.ptnr1_auth_comp_id 
_struct_conn.ptnr1_auth_seq_id 
_struct_conn.ptnr2_auth_asym_id 
_struct_conn.ptnr2_auth_comp_id 
_struct_conn.ptnr2_auth_seq_id 
_struct_conn.ptnr2_symmetry 
_struct_conn.pdbx_ptnr3_label_atom_id 
_struct_conn.pdbx_ptnr3_label_seq_id 
_struct_conn.pdbx_ptnr3_label_comp_id 
_struct_conn.pdbx_ptnr3_label_asym_id 
_struct_conn.pdbx_ptnr3_label_alt_id 
_struct_conn.pdbx_ptnr3_PDB_ins_code 
_struct_conn.details 
_struct_conn.pdbx_dist_value 
_struct_conn.pdbx_value_order 
_struct_conn.pdbx_role 
covale1 covale both ? A DG  4 "O3'" ? ? ? 1_555 A CSL 5 P ? ? A DG  4   A CSL 5   1_555 ? ? ? ? ? ? ? 1.613 ? ? 
covale2 covale both ? A CSL 5 "O3'" ? ? ? 1_555 A DC  6 P ? ? A CSL 5   A DC  6   1_555 ? ? ? ? ? ? ? 1.605 ? ? 
metalc1 metalc ?    ? B MG  . MG    ? ? ? 1_555 C DOD . O ? ? A MG  101 A DOD 203 1_555 ? ? ? ? ? ? ? 2.365 ? ? 
metalc2 metalc ?    ? B MG  . MG    ? ? ? 1_555 C DOD . O ? ? A MG  101 A DOD 209 1_555 ? ? ? ? ? ? ? 1.928 ? ? 
metalc3 metalc ?    ? B MG  . MG    ? ? ? 1_555 C DOD . O ? ? A MG  101 A DOD 213 1_555 ? ? ? ? ? ? ? 2.159 ? ? 
metalc4 metalc ?    ? B MG  . MG    ? ? ? 1_555 C DOD . O ? ? A MG  101 A DOD 223 1_555 ? ? ? ? ? ? ? 2.241 ? ? 
metalc5 metalc ?    ? B MG  . MG    ? ? ? 1_555 C DOD . O ? ? A MG  101 A DOD 228 1_555 ? ? ? ? ? ? ? 2.297 ? ? 
metalc6 metalc ?    ? B MG  . MG    ? ? ? 1_555 C DOD . O ? ? A MG  101 A DOD 229 1_555 ? ? ? ? ? ? ? 2.353 ? ? 
# 
loop_
_struct_conn_type.id 
_struct_conn_type.criteria 
_struct_conn_type.reference 
covale ? ? 
metalc ? ? 
# 
_struct_site.id                   AC1 
_struct_site.pdbx_evidence_code   Software 
_struct_site.pdbx_auth_asym_id    A 
_struct_site.pdbx_auth_comp_id    MG 
_struct_site.pdbx_auth_seq_id     101 
_struct_site.pdbx_auth_ins_code   ? 
_struct_site.pdbx_num_residues    6 
_struct_site.details              'binding site for residue MG A 101' 
# 
loop_
_struct_site_gen.id 
_struct_site_gen.site_id 
_struct_site_gen.pdbx_num_res 
_struct_site_gen.label_comp_id 
_struct_site_gen.label_asym_id 
_struct_site_gen.label_seq_id 
_struct_site_gen.pdbx_auth_ins_code 
_struct_site_gen.auth_comp_id 
_struct_site_gen.auth_asym_id 
_struct_site_gen.auth_seq_id 
_struct_site_gen.label_atom_id 
_struct_site_gen.label_alt_id 
_struct_site_gen.symmetry 
_struct_site_gen.details 
1 AC1 6 DOD C . ? DOD A 203 . ? 1_555 ? 
2 AC1 6 DOD C . ? DOD A 209 . ? 1_555 ? 
3 AC1 6 DOD C . ? DOD A 213 . ? 1_555 ? 
4 AC1 6 DOD C . ? DOD A 223 . ? 1_555 ? 
5 AC1 6 DOD C . ? DOD A 228 . ? 1_555 ? 
6 AC1 6 DOD C . ? DOD A 229 . ? 1_555 ? 
# 
_atom_sites.entry_id                    6D4L 
_atom_sites.fract_transf_matrix[1][1]   0.00171874 
_atom_sites.fract_transf_matrix[1][2]   -0.02134562 
_atom_sites.fract_transf_matrix[1][3]   0.00948687 
_atom_sites.fract_transf_matrix[2][1]   0.00108068 
_atom_sites.fract_transf_matrix[2][2]   0.00957499 
_atom_sites.fract_transf_matrix[2][3]   0.02134811 
_atom_sites.fract_transf_matrix[3][1]   -0.04081280 
_atom_sites.fract_transf_matrix[3][2]   -0.00197442 
_atom_sites.fract_transf_matrix[3][3]   0.00295158 
_atom_sites.fract_transf_vector[1]      0.223344 
_atom_sites.fract_transf_vector[2]      -0.234224 
_atom_sites.fract_transf_vector[3]      -0.163049 
# 
loop_
_atom_type.symbol 
C  
D  
H  
MG 
N  
O  
P  
SE 
# 
loop_
_atom_site.group_PDB 
_atom_site.id 
_atom_site.type_symbol 
_atom_site.label_atom_id 
_atom_site.label_alt_id 
_atom_site.label_comp_id 
_atom_site.label_asym_id 
_atom_site.label_entity_id 
_atom_site.label_seq_id 
_atom_site.pdbx_PDB_ins_code 
_atom_site.Cartn_x 
_atom_site.Cartn_y 
_atom_site.Cartn_z 
_atom_site.occupancy 
_atom_site.B_iso_or_equiv 
_atom_site.pdbx_formal_charge 
_atom_site.auth_seq_id 
_atom_site.auth_comp_id 
_atom_site.auth_asym_id 
_atom_site.auth_atom_id 
_atom_site.pdbx_PDB_model_num 
ATOM   1   O  "O5'"  . DG  A 1 1 ? 6.219  11.218  -2.503  1.00 21.35 ? 1   DG  A "O5'"  1 
ATOM   2   C  "C5'"  . DG  A 1 1 ? 5.681  12.507  -2.737  1.00 20.30 ? 1   DG  A "C5'"  1 
ATOM   3   C  "C4'"  . DG  A 1 1 ? 4.931  12.542  -4.050  1.00 19.93 ? 1   DG  A "C4'"  1 
ATOM   4   O  "O4'"  . DG  A 1 1 ? 5.817  12.159  -5.132  1.00 18.62 ? 1   DG  A "O4'"  1 
ATOM   5   C  "C3'"  . DG  A 1 1 ? 3.737  11.592  -4.167  1.00 20.27 ? 1   DG  A "C3'"  1 
ATOM   6   O  "O3'"  . DG  A 1 1 ? 2.546  12.232  -3.685  1.00 21.53 ? 1   DG  A "O3'"  1 
ATOM   7   C  "C2'"  . DG  A 1 1 ? 3.646  11.389  -5.670  1.00 20.29 ? 1   DG  A "C2'"  1 
ATOM   8   C  "C1'"  . DG  A 1 1 ? 5.112  11.329  -6.063  1.00 18.32 ? 1   DG  A "C1'"  1 
ATOM   9   N  N9     . DG  A 1 1 ? 5.677  9.981   -6.005  1.00 18.26 ? 1   DG  A N9     1 
ATOM   10  C  C8     . DG  A 1 1 ? 6.574  9.484   -5.080  1.00 17.32 ? 1   DG  A C8     1 
ATOM   11  N  N7     . DG  A 1 1 ? 6.923  8.244   -5.314  1.00 17.09 ? 1   DG  A N7     1 
ATOM   12  C  C5     . DG  A 1 1 ? 6.208  7.895   -6.456  1.00 16.44 ? 1   DG  A C5     1 
ATOM   13  C  C6     . DG  A 1 1 ? 6.182  6.686   -7.184  1.00 15.45 ? 1   DG  A C6     1 
ATOM   14  O  O6     . DG  A 1 1 ? 6.804  5.658   -6.969  1.00 15.39 ? 1   DG  A O6     1 
ATOM   15  N  N1     . DG  A 1 1 ? 5.325  6.758   -8.277  1.00 15.53 ? 1   DG  A N1     1 
ATOM   16  C  C2     . DG  A 1 1 ? 4.587  7.854   -8.628  1.00 17.00 ? 1   DG  A C2     1 
ATOM   17  N  N2     . DG  A 1 1 ? 3.822  7.718   -9.744  1.00 17.81 ? 1   DG  A N2     1 
ATOM   18  N  N3     . DG  A 1 1 ? 4.598  9.001   -7.952  1.00 15.90 ? 1   DG  A N3     1 
ATOM   19  C  C4     . DG  A 1 1 ? 5.427  8.950   -6.890  1.00 16.49 ? 1   DG  A C4     1 
ATOM   20  H  "H5'"  . DG  A 1 1 ? 6.491  13.237  -2.768  1.00 20.74 ? 1   DG  A "H5'"  1 
ATOM   21  H  "H5''" . DG  A 1 1 ? 5.001  12.763  -1.926  1.00 20.74 ? 1   DG  A "H5''" 1 
ATOM   22  H  "H4'"  . DG  A 1 1 ? 4.534  13.549  -4.165  1.00 19.59 ? 1   DG  A "H4'"  1 
ATOM   23  H  "H3'"  . DG  A 1 1 ? 3.911  10.658  -3.628  1.00 20.58 ? 1   DG  A "H3'"  1 
ATOM   24  H  "H2'"  . DG  A 1 1 ? 3.111  10.480  -5.924  1.00 19.35 ? 1   DG  A "H2'"  1 
ATOM   25  H  "H2''" . DG  A 1 1 ? 3.106  12.214  -6.146  1.00 19.67 ? 1   DG  A "H2''" 1 
ATOM   26  H  "H1'"  . DG  A 1 1 ? 5.274  11.735  -7.063  1.00 18.97 ? 1   DG  A "H1'"  1 
ATOM   27  D  D8     A DG  A 1 1 ? 6.950  10.059  -4.247  0.36 17.46 ? 1   DG  A D8     1 
ATOM   28  H  H8     B DG  A 1 1 ? 6.950  10.059  -4.247  0.64 17.46 ? 1   DG  A H8     1 
ATOM   29  D  D1     . DG  A 1 1 ? 5.259  5.935   -8.840  1.00 15.06 ? 1   DG  A D1     1 
ATOM   30  D  D21    A DG  A 1 1 ? 3.251  8.471   -10.085 0.72 15.14 ? 1   DG  A D21    1 
ATOM   31  H  H21    B DG  A 1 1 ? 3.251  8.471   -10.085 0.28 15.14 ? 1   DG  A H21    1 
ATOM   32  D  D22    A DG  A 1 1 ? 3.851  6.842   -10.249 0.55 16.18 ? 1   DG  A D22    1 
ATOM   33  H  H22    B DG  A 1 1 ? 3.851  6.842   -10.249 0.45 16.18 ? 1   DG  A H22    1 
ATOM   34  D  D5T    A DG  A 1 1 ? 7.081  11.366  -2.123  0.36 21.05 ? 1   DG  A D5T    1 
ATOM   35  H  H5T    B DG  A 1 1 ? 7.081  11.366  -2.123  0.64 21.05 ? 1   DG  A H5T    1 
ATOM   36  P  P      . DT  A 1 2 ? 1.407  11.383  -2.924  1.00 22.26 ? 2   DT  A P      1 
ATOM   37  O  OP1    . DT  A 1 2 ? 0.405  12.382  -2.454  1.00 23.56 ? 2   DT  A OP1    1 
ATOM   38  O  OP2    . DT  A 1 2 ? 2.049  10.478  -1.943  1.00 22.75 ? 2   DT  A OP2    1 
ATOM   39  O  "O5'"  . DT  A 1 2 ? 0.716  10.503  -4.061  1.00 21.53 ? 2   DT  A "O5'"  1 
ATOM   40  C  "C5'"  . DT  A 1 2 ? -0.273 11.079  -4.903  1.00 21.68 ? 2   DT  A "C5'"  1 
ATOM   41  C  "C4'"  . DT  A 1 2 ? -0.621 10.144  -6.037  1.00 22.82 ? 2   DT  A "C4'"  1 
ATOM   42  O  "O4'"  . DT  A 1 2 ? 0.570  9.720   -6.737  1.00 22.19 ? 2   DT  A "O4'"  1 
ATOM   43  C  "C3'"  . DT  A 1 2 ? -1.291 8.834   -5.637  1.00 23.89 ? 2   DT  A "C3'"  1 
ATOM   44  O  "O3'"  . DT  A 1 2 ? -2.681 9.056   -5.381  1.00 24.98 ? 2   DT  A "O3'"  1 
ATOM   45  C  "C2'"  . DT  A 1 2 ? -1.065 7.998   -6.883  1.00 23.29 ? 2   DT  A "C2'"  1 
ATOM   46  C  "C1'"  . DT  A 1 2 ? 0.377  8.388   -7.229  1.00 22.51 ? 2   DT  A "C1'"  1 
ATOM   47  N  N1     . DT  A 1 2 ? 1.402  7.494   -6.609  1.00 20.39 ? 2   DT  A N1     1 
ATOM   48  C  C2     . DT  A 1 2 ? 1.641  6.285   -7.230  1.00 21.84 ? 2   DT  A C2     1 
ATOM   49  O  O2     . DT  A 1 2 ? 1.072  5.935   -8.252  1.00 22.57 ? 2   DT  A O2     1 
ATOM   50  N  N3     . DT  A 1 2 ? 2.576  5.495   -6.612  1.00 19.63 ? 2   DT  A N3     1 
ATOM   51  C  C4     . DT  A 1 2 ? 3.307  5.785   -5.477  1.00 19.17 ? 2   DT  A C4     1 
ATOM   52  O  O4     . DT  A 1 2 ? 4.165  4.999   -5.089  1.00 19.11 ? 2   DT  A O4     1 
ATOM   53  C  C5     . DT  A 1 2 ? 3.014  7.064   -4.862  1.00 20.79 ? 2   DT  A C5     1 
ATOM   54  C  C7     . DT  A 1 2 ? 3.718  7.424   -3.578  1.00 18.83 ? 2   DT  A C7     1 
ATOM   55  C  C6     . DT  A 1 2 ? 2.080  7.851   -5.454  1.00 18.85 ? 2   DT  A C6     1 
ATOM   56  H  "H5'"  . DT  A 1 2 ? 0.106  12.010  -5.315  1.00 21.18 ? 2   DT  A "H5'"  1 
ATOM   57  H  "H5''" . DT  A 1 2 ? -1.175 11.291  -4.321  1.00 22.28 ? 2   DT  A "H5''" 1 
ATOM   58  H  "H4'"  . DT  A 1 2 ? -1.333 10.671  -6.683  1.00 22.62 ? 2   DT  A "H4'"  1 
ATOM   59  H  "H3'"  . DT  A 1 2 ? -0.817 8.399   -4.753  1.00 23.46 ? 2   DT  A "H3'"  1 
ATOM   60  H  "H2'"  . DT  A 1 2 ? -1.168 6.934   -6.678  1.00 23.76 ? 2   DT  A "H2'"  1 
ATOM   61  H  "H2''" . DT  A 1 2 ? -1.799 8.239   -7.658  1.00 23.97 ? 2   DT  A "H2''" 1 
ATOM   62  H  "H1'"  . DT  A 1 2 ? 0.529  8.406   -8.310  1.00 22.45 ? 2   DT  A "H1'"  1 
ATOM   63  D  D3     A DT  A 1 2 ? 2.680  4.559   -6.964  0.96 18.36 ? 2   DT  A D3     1 
ATOM   64  H  H3     B DT  A 1 2 ? 2.680  4.559   -6.964  0.04 18.36 ? 2   DT  A H3     1 
ATOM   65  H  H71    . DT  A 1 2 ? 3.695  6.565   -2.893  1.00 19.41 ? 2   DT  A H71    1 
ATOM   66  H  H72    . DT  A 1 2 ? 4.756  7.691   -3.794  1.00 20.97 ? 2   DT  A H72    1 
ATOM   67  H  H73    . DT  A 1 2 ? 3.221  8.273   -3.104  1.00 20.55 ? 2   DT  A H73    1 
ATOM   68  H  H6     . DT  A 1 2 ? 1.853  8.812   -5.002  1.00 20.38 ? 2   DT  A H6     1 
ATOM   69  P  P      . DG  A 1 3 ? -3.430 8.223   -4.227  1.00 28.05 ? 3   DG  A P      1 
ATOM   70  O  OP1    . DG  A 1 3 ? -4.778 8.843   -4.101  1.00 29.35 ? 3   DG  A OP1    1 
ATOM   71  O  OP2    . DG  A 1 3 ? -2.572 8.067   -3.024  1.00 26.20 ? 3   DG  A OP2    1 
ATOM   72  O  "O5'"  . DG  A 1 3 ? -3.623 6.781   -4.869  1.00 28.30 ? 3   DG  A "O5'"  1 
ATOM   73  C  "C5'"  . DG  A 1 3 ? -4.534 6.585   -5.939  1.00 27.63 ? 3   DG  A "C5'"  1 
ATOM   74  C  "C4'"  . DG  A 1 3 ? -4.287 5.244   -6.588  1.00 27.90 ? 3   DG  A "C4'"  1 
ATOM   75  O  "O4'"  . DG  A 1 3 ? -2.929 5.162   -7.087  1.00 27.45 ? 3   DG  A "O4'"  1 
ATOM   76  C  "C3'"  . DG  A 1 3 ? -4.385 4.012   -5.692  1.00 28.02 ? 3   DG  A "C3'"  1 
ATOM   77  O  "O3'"  . DG  A 1 3 ? -5.745 3.666   -5.373  1.00 29.90 ? 3   DG  A "O3'"  1 
ATOM   78  C  "C2'"  . DG  A 1 3 ? -3.732 2.974   -6.586  1.00 26.97 ? 3   DG  A "C2'"  1 
ATOM   79  C  "C1'"  . DG  A 1 3 ? -2.530 3.779   -7.090  1.00 24.03 ? 3   DG  A "C1'"  1 
ATOM   80  N  N9     . DG  A 1 3 ? -1.349 3.621   -6.239  1.00 23.17 ? 3   DG  A N9     1 
ATOM   81  C  C8     . DG  A 1 3 ? -0.876 4.462   -5.257  1.00 20.80 ? 3   DG  A C8     1 
ATOM   82  N  N7     . DG  A 1 3 ? 0.218  4.028   -4.694  1.00 19.27 ? 3   DG  A N7     1 
ATOM   83  C  C5     . DG  A 1 3 ? 0.479  2.822   -5.337  1.00 19.08 ? 3   DG  A C5     1 
ATOM   84  C  C6     . DG  A 1 3 ? 1.534  1.899   -5.165  1.00 16.33 ? 3   DG  A C6     1 
ATOM   85  O  O6     . DG  A 1 3 ? 2.503  1.985   -4.420  1.00 16.79 ? 3   DG  A O6     1 
ATOM   86  N  N1     . DG  A 1 3 ? 1.385  0.787   -5.997  1.00 17.21 ? 3   DG  A N1     1 
ATOM   87  C  C2     . DG  A 1 3 ? 0.367  0.611   -6.894  1.00 17.73 ? 3   DG  A C2     1 
ATOM   88  N  N2     . DG  A 1 3 ? 0.363  -0.528  -7.590  1.00 15.91 ? 3   DG  A N2     1 
ATOM   89  N  N3     . DG  A 1 3 ? -0.594 1.488   -7.093  1.00 19.57 ? 3   DG  A N3     1 
ATOM   90  C  C4     . DG  A 1 3 ? -0.482 2.555   -6.281  1.00 18.79 ? 3   DG  A C4     1 
ATOM   91  H  "H5'"  . DG  A 1 3 ? -4.405 7.375   -6.684  1.00 28.74 ? 3   DG  A "H5'"  1 
ATOM   92  H  "H5''" . DG  A 1 3 ? -5.558 6.616   -5.557  1.00 27.65 ? 3   DG  A "H5''" 1 
ATOM   93  H  "H4'"  . DG  A 1 3 ? -5.035 5.122   -7.375  1.00 27.95 ? 3   DG  A "H4'"  1 
ATOM   94  H  "H3'"  . DG  A 1 3 ? -3.819 4.157   -4.766  1.00 28.50 ? 3   DG  A "H3'"  1 
ATOM   95  H  "H2'"  . DG  A 1 3 ? -3.432 2.095   -6.027  1.00 26.67 ? 3   DG  A "H2'"  1 
ATOM   96  H  "H2''" . DG  A 1 3 ? -4.421 2.627   -7.364  1.00 27.50 ? 3   DG  A "H2''" 1 
ATOM   97  H  "H1'"  . DG  A 1 3 ? -2.271 3.502   -8.114  1.00 26.08 ? 3   DG  A "H1'"  1 
ATOM   98  D  D8     A DG  A 1 3 ? -1.372 5.376   -4.962  0.26 21.07 ? 3   DG  A D8     1 
ATOM   99  H  H8     B DG  A 1 3 ? -1.372 5.376   -4.962  0.74 21.07 ? 3   DG  A H8     1 
ATOM   100 D  D1     A DG  A 1 3 ? 2.066  0.043   -5.951  0.90 16.81 ? 3   DG  A D1     1 
ATOM   101 H  H1     B DG  A 1 3 ? 2.066  0.043   -5.951  0.10 16.81 ? 3   DG  A H1     1 
ATOM   102 D  D21    A DG  A 1 3 ? -0.380 -0.687  -8.251  0.73 15.35 ? 3   DG  A D21    1 
ATOM   103 H  H21    B DG  A 1 3 ? -0.380 -0.687  -8.251  0.27 15.35 ? 3   DG  A H21    1 
ATOM   104 D  D22    A DG  A 1 3 ? 1.075  -1.226  -7.462  0.83 16.47 ? 3   DG  A D22    1 
ATOM   105 H  H22    B DG  A 1 3 ? 1.075  -1.226  -7.462  0.17 16.47 ? 3   DG  A H22    1 
ATOM   106 P  P      . DG  A 1 4 ? -6.066 2.850   -4.015  1.00 31.19 ? 4   DG  A P      1 
ATOM   107 O  OP1    . DG  A 1 4 ? -7.548 2.725   -3.881  1.00 32.84 ? 4   DG  A OP1    1 
ATOM   108 O  OP2    . DG  A 1 4 ? -5.283 3.450   -2.903  1.00 29.95 ? 4   DG  A OP2    1 
ATOM   109 O  "O5'"  . DG  A 1 4 ? -5.463 1.394   -4.285  1.00 29.67 ? 4   DG  A "O5'"  1 
ATOM   110 C  "C5'"  . DG  A 1 4 ? -6.164 0.447   -5.094  1.00 29.58 ? 4   DG  A "C5'"  1 
ATOM   111 C  "C4'"  . DG  A 1 4 ? -5.276 -0.734  -5.429  1.00 28.04 ? 4   DG  A "C4'"  1 
ATOM   112 O  "O4'"  . DG  A 1 4 ? -3.976 -0.283  -5.892  1.00 27.70 ? 4   DG  A "O4'"  1 
ATOM   113 C  "C3'"  . DG  A 1 4 ? -4.938 -1.688  -4.288  1.00 27.75 ? 4   DG  A "C3'"  1 
ATOM   114 O  "O3'"  . DG  A 1 4 ? -6.030 -2.587  -4.016  1.00 27.91 ? 4   DG  A "O3'"  1 
ATOM   115 C  "C2'"  . DG  A 1 4 ? -3.742 -2.414  -4.875  1.00 27.01 ? 4   DG  A "C2'"  1 
ATOM   116 C  "C1'"  . DG  A 1 4 ? -2.983 -1.236  -5.497  1.00 26.11 ? 4   DG  A "C1'"  1 
ATOM   117 N  N9     . DG  A 1 4 ? -2.064 -0.596  -4.550  1.00 22.45 ? 4   DG  A N9     1 
ATOM   118 C  C8     . DG  A 1 4 ? -2.216 0.599   -3.882  1.00 22.74 ? 4   DG  A C8     1 
ATOM   119 N  N7     . DG  A 1 4 ? -1.222 0.871   -3.084  1.00 20.67 ? 4   DG  A N7     1 
ATOM   120 C  C5     . DG  A 1 4 ? -0.363 -0.205  -3.230  1.00 18.12 ? 4   DG  A C5     1 
ATOM   121 C  C6     . DG  A 1 4 ? 0.889  -0.480  -2.615  1.00 15.81 ? 4   DG  A C6     1 
ATOM   122 O  O6     . DG  A 1 4 ? 1.554  0.232   -1.839  1.00 16.15 ? 4   DG  A O6     1 
ATOM   123 N  N1     . DG  A 1 4 ? 1.366  -1.728  -2.996  1.00 15.08 ? 4   DG  A N1     1 
ATOM   124 C  C2     . DG  A 1 4 ? 0.777  -2.573  -3.890  1.00 15.06 ? 4   DG  A C2     1 
ATOM   125 N  N2     . DG  A 1 4 ? 1.411  -3.753  -4.082  1.00 14.23 ? 4   DG  A N2     1 
ATOM   126 N  N3     . DG  A 1 4 ? -0.348 -2.302  -4.523  1.00 18.78 ? 4   DG  A N3     1 
ATOM   127 C  C4     . DG  A 1 4 ? -0.872 -1.119  -4.130  1.00 19.08 ? 4   DG  A C4     1 
ATOM   128 H  "H5'"  . DG  A 1 4 ? -6.485 0.921   -6.022  1.00 29.84 ? 4   DG  A "H5'"  1 
ATOM   129 H  "H5''" . DG  A 1 4 ? -7.042 0.087   -4.558  1.00 28.89 ? 4   DG  A "H5''" 1 
ATOM   130 H  "H4'"  . DG  A 1 4 ? -5.810 -1.326  -6.180  1.00 27.66 ? 4   DG  A "H4'"  1 
ATOM   131 H  "H3'"  . DG  A 1 4 ? -4.674 -1.140  -3.382  1.00 29.10 ? 4   DG  A "H3'"  1 
ATOM   132 H  "H2'"  . DG  A 1 4 ? -3.164 -2.915  -4.100  1.00 26.53 ? 4   DG  A "H2'"  1 
ATOM   133 H  "H2''" . DG  A 1 4 ? -4.056 -3.189  -5.582  1.00 27.29 ? 4   DG  A "H2''" 1 
ATOM   134 H  "H1'"  . DG  A 1 4 ? -2.424 -1.541  -6.384  1.00 25.83 ? 4   DG  A "H1'"  1 
ATOM   135 H  H8     . DG  A 1 4 ? -3.086 1.229   -3.975  1.00 21.53 ? 4   DG  A H8     1 
ATOM   136 D  D1     A DG  A 1 4 ? 2.181  -2.071  -2.599  0.97 13.02 ? 4   DG  A D1     1 
ATOM   137 H  H1     B DG  A 1 4 ? 2.181  -2.071  -2.599  0.03 13.02 ? 4   DG  A H1     1 
ATOM   138 D  D21    A DG  A 1 4 ? 1.074  -4.477  -4.702  0.83 12.51 ? 4   DG  A D21    1 
ATOM   139 H  H21    B DG  A 1 4 ? 1.074  -4.477  -4.702  0.17 12.51 ? 4   DG  A H21    1 
ATOM   140 D  D22    A DG  A 1 4 ? 2.262  -3.917  -3.576  0.60 13.51 ? 4   DG  A D22    1 
ATOM   141 H  H22    B DG  A 1 4 ? 2.262  -3.917  -3.576  0.40 13.51 ? 4   DG  A H22    1 
HETATM 142 P  P      . CSL A 1 5 ? -6.250 -3.162  -2.525  1.00 28.30 ? 5   CSL A P      1 
HETATM 143 O  O2P    . CSL A 1 5 ? -5.957 -2.126  -1.494  1.00 27.25 ? 5   CSL A O2P    1 
HETATM 144 O  O1P    . CSL A 1 5 ? -7.535 -3.904  -2.504  1.00 29.80 ? 5   CSL A O1P    1 
HETATM 145 O  "O5'"  . CSL A 1 5 ? -5.113 -4.240  -2.229  1.00 24.69 ? 5   CSL A "O5'"  1 
HETATM 146 C  "C5'"  . CSL A 1 5 ? -5.036 -5.449  -2.940  1.00 20.20 ? 5   CSL A "C5'"  1 
HETATM 147 C  "C4'"  . CSL A 1 5 ? -3.701 -6.077  -2.750  1.00 19.15 ? 5   CSL A "C4'"  1 
HETATM 148 O  "O4'"  . CSL A 1 5 ? -2.640 -5.139  -3.045  1.00 17.39 ? 5   CSL A "O4'"  1 
HETATM 149 C  "C1'"  . CSL A 1 5 ? -1.510 -5.431  -2.233  1.00 14.17 ? 5   CSL A "C1'"  1 
HETATM 150 N  N1     . CSL A 1 5 ? -1.212 -4.253  -1.409  1.00 14.78 ? 5   CSL A N1     1 
HETATM 151 C  C2     . CSL A 1 5 ? 0.023  -4.240  -0.734  1.00 13.85 ? 5   CSL A C2     1 
HETATM 152 O  O2     . CSL A 1 5 ? 0.799  -5.204  -0.843  1.00 13.98 ? 5   CSL A O2     1 
HETATM 153 N  N3     . CSL A 1 5 ? 0.325  -3.137  0.030   1.00 13.61 ? 5   CSL A N3     1 
HETATM 154 C  C4     . CSL A 1 5 ? -0.522 -2.119  0.123   1.00 14.62 ? 5   CSL A C4     1 
HETATM 155 N  N4     . CSL A 1 5 ? -0.165 -1.078  0.869   1.00 17.91 ? 5   CSL A N4     1 
HETATM 156 C  C5     . CSL A 1 5 ? -1.780 -2.109  -0.545  1.00 16.26 ? 5   CSL A C5     1 
HETATM 157 C  C6     . CSL A 1 5 ? -2.080 -3.183  -1.290  1.00 14.04 ? 5   CSL A C6     1 
HETATM 158 C  "C2'"  . CSL A 1 5 ? -1.863 -6.622  -1.426  1.00 16.97 ? 5   CSL A "C2'"  1 
HETATM 159 SE "SE2'" . CSL A 1 5 ? -1.296 -8.211  -2.411  1.00 8.69  ? 5   CSL A "SE2'" 1 
HETATM 160 C  "CA'"  . CSL A 1 5 ? 0.607  -8.246  -2.165  1.00 17.90 ? 5   CSL A "CA'"  1 
HETATM 161 C  "C3'"  . CSL A 1 5 ? -3.361 -6.526  -1.341  1.00 17.28 ? 5   CSL A "C3'"  1 
HETATM 162 O  "O3'"  . CSL A 1 5 ? -3.998 -7.741  -1.038  1.00 19.54 ? 5   CSL A "O3'"  1 
HETATM 163 H  "H5'1" . CSL A 1 5 ? -5.159 -5.219  -4.001  1.00 20.52 ? 5   CSL A "H5'1" 1 
HETATM 164 H  "H5'2" . CSL A 1 5 ? -5.824 -6.129  -2.613  1.00 20.63 ? 5   CSL A "H5'2" 1 
HETATM 165 H  "H4'"  . CSL A 1 5 ? -3.770 -6.941  -3.406  1.00 17.64 ? 5   CSL A "H4'"  1 
HETATM 166 H  "H1'"  . CSL A 1 5 ? -0.604 -5.655  -2.809  1.00 14.28 ? 5   CSL A "H1'"  1 
HETATM 167 D  DN41   . CSL A 1 5 ? -0.694 -0.212  0.794   1.00 19.04 ? 5   CSL A DN41   1 
HETATM 168 D  DN42   . CSL A 1 5 ? 0.634  -1.143  1.501   1.00 18.82 ? 5   CSL A DN42   1 
HETATM 169 H  H5     . CSL A 1 5 ? -2.467 -1.270  -0.457  1.00 13.80 ? 5   CSL A H5     1 
HETATM 170 H  H6     . CSL A 1 5 ? -3.037 -3.215  -1.817  1.00 15.35 ? 5   CSL A H6     1 
HETATM 171 H  "H2'"  . CSL A 1 5 ? -1.403 -6.684  -0.447  1.00 14.08 ? 5   CSL A "H2'"  1 
HETATM 172 H  "HA'1" . CSL A 1 5 ? 0.988  -9.238  -2.397  1.00 12.49 ? 5   CSL A "HA'1" 1 
HETATM 173 H  "HA'2" . CSL A 1 5 ? 0.831  -8.022  -1.119  1.00 13.82 ? 5   CSL A "HA'2" 1 
HETATM 174 H  "HA'3" . CSL A 1 5 ? 1.069  -7.510  -2.815  1.00 12.67 ? 5   CSL A "HA'3" 1 
HETATM 175 H  "H3'"  . CSL A 1 5 ? -3.700 -5.848  -0.560  1.00 19.82 ? 5   CSL A "H3'"  1 
ATOM   176 P  P      . DC  A 1 6 ? -4.420 -8.052  0.479   1.00 18.95 ? 6   DC  A P      1 
ATOM   177 O  OP1    . DC  A 1 6 ? -5.253 -9.267  0.285   1.00 23.41 ? 6   DC  A OP1    1 
ATOM   178 O  OP2    . DC  A 1 6 ? -4.993 -6.860  1.166   1.00 21.25 ? 6   DC  A OP2    1 
ATOM   179 O  "O5'"  . DC  A 1 6 ? -3.089 -8.467  1.249   1.00 19.47 ? 6   DC  A "O5'"  1 
ATOM   180 C  "C5'"  . DC  A 1 6 ? -2.397 -9.686  0.944   1.00 19.21 ? 6   DC  A "C5'"  1 
ATOM   181 C  "C4'"  . DC  A 1 6 ? -1.095 -9.757  1.714   1.00 18.82 ? 6   DC  A "C4'"  1 
ATOM   182 O  "O4'"  . DC  A 1 6 ? -0.182 -8.705  1.311   1.00 17.60 ? 6   DC  A "O4'"  1 
ATOM   183 C  "C3'"  . DC  A 1 6 ? -1.218 -9.580  3.225   1.00 18.28 ? 6   DC  A "C3'"  1 
ATOM   184 O  "O3'"  . DC  A 1 6 ? -1.684 -10.807 3.798   1.00 20.14 ? 6   DC  A "O3'"  1 
ATOM   185 C  "C2'"  . DC  A 1 6 ? 0.218  -9.243  3.589   1.00 17.18 ? 6   DC  A "C2'"  1 
ATOM   186 C  "C1'"  . DC  A 1 6 ? 0.579  -8.276  2.450   1.00 16.83 ? 6   DC  A "C1'"  1 
ATOM   187 N  N1     . DC  A 1 6 ? 0.254  -6.839  2.728   1.00 14.06 ? 6   DC  A N1     1 
ATOM   188 C  C2     . DC  A 1 6 ? 1.171  -6.073  3.473   1.00 14.06 ? 6   DC  A C2     1 
ATOM   189 O  O2     . DC  A 1 6 ? 2.199  -6.619  3.917   1.00 15.65 ? 6   DC  A O2     1 
ATOM   190 N  N3     . DC  A 1 6 ? 0.913  -4.758  3.706   1.00 12.41 ? 6   DC  A N3     1 
ATOM   191 C  C4     . DC  A 1 6 ? -0.206 -4.208  3.243   1.00 10.97 ? 6   DC  A C4     1 
ATOM   192 N  N4     . DC  A 1 6 ? -0.400 -2.902  3.455   1.00 12.49 ? 6   DC  A N4     1 
ATOM   193 C  C5     . DC  A 1 6 ? -1.177 -4.967  2.518   1.00 12.64 ? 6   DC  A C5     1 
ATOM   194 C  C6     . DC  A 1 6 ? -0.902 -6.262  2.273   1.00 12.62 ? 6   DC  A C6     1 
ATOM   195 H  "H5'"  . DC  A 1 6 ? -2.181 -9.734  -0.121  1.00 19.27 ? 6   DC  A "H5'"  1 
ATOM   196 H  "H5''" . DC  A 1 6 ? -3.019 -10.542 1.218   1.00 21.06 ? 6   DC  A "H5''" 1 
ATOM   197 H  "H4'"  . DC  A 1 6 ? -0.687 -10.760 1.555   1.00 18.06 ? 6   DC  A "H4'"  1 
ATOM   198 H  "H3'"  . DC  A 1 6 ? -1.910 -8.769  3.479   1.00 18.37 ? 6   DC  A "H3'"  1 
ATOM   199 H  "H2'"  . DC  A 1 6 ? 0.286  -8.774  4.568   1.00 15.86 ? 6   DC  A "H2'"  1 
ATOM   200 H  "H2''" . DC  A 1 6 ? 0.838  -10.144 3.631   1.00 15.95 ? 6   DC  A "H2''" 1 
ATOM   201 H  "H1'"  . DC  A 1 6 ? 1.637  -8.353  2.187   1.00 16.13 ? 6   DC  A "H1'"  1 
ATOM   202 D  D41    A DC  A 1 6 ? -1.237 -2.496  3.086   0.64 11.51 ? 6   DC  A D41    1 
ATOM   203 H  H41    B DC  A 1 6 ? -1.237 -2.496  3.086   0.36 11.51 ? 6   DC  A H41    1 
ATOM   204 D  D42    A DC  A 1 6 ? 0.212  -2.298  3.971   0.88 9.59  ? 6   DC  A D42    1 
ATOM   205 H  H42    B DC  A 1 6 ? 0.212  -2.298  3.971   0.12 9.59  ? 6   DC  A H42    1 
ATOM   206 H  H5     . DC  A 1 6 ? -2.123 -4.519  2.202   1.00 11.37 ? 6   DC  A H5     1 
ATOM   207 H  H6     . DC  A 1 6 ? -1.613 -6.857  1.698   1.00 13.47 ? 6   DC  A H6     1 
ATOM   208 P  P      . DA  A 1 7 ? -2.435 -10.811 5.222   1.00 21.25 ? 7   DA  A P      1 
ATOM   209 O  OP1    . DA  A 1 7 ? -2.722 -12.255 5.493   1.00 24.88 ? 7   DA  A OP1    1 
ATOM   210 O  OP2    . DA  A 1 7 ? -3.558 -9.861  5.194   1.00 21.95 ? 7   DA  A OP2    1 
ATOM   211 O  "O5'"  . DA  A 1 7 ? -1.308 -10.321 6.234   1.00 18.66 ? 7   DA  A "O5'"  1 
ATOM   212 C  "C5'"  . DA  A 1 7 ? -0.247 -11.202 6.633   1.00 19.04 ? 7   DA  A "C5'"  1 
ATOM   213 C  "C4'"  . DA  A 1 7 ? 0.770  -10.452 7.463   1.00 17.77 ? 7   DA  A "C4'"  1 
ATOM   214 O  "O4'"  . DA  A 1 7 ? 1.210  -9.271  6.750   1.00 18.07 ? 7   DA  A "O4'"  1 
ATOM   215 C  "C3'"  . DA  A 1 7 ? 0.261  -9.911  8.797   1.00 19.00 ? 7   DA  A "C3'"  1 
ATOM   216 O  "O3'"  . DA  A 1 7 ? 0.324  -10.936 9.806   1.00 18.59 ? 7   DA  A "O3'"  1 
ATOM   217 C  "C2'"  . DA  A 1 7 ? 1.243  -8.786  9.086   1.00 17.51 ? 7   DA  A "C2'"  1 
ATOM   218 C  "C1'"  . DA  A 1 7 ? 1.519  -8.233  7.687   1.00 17.34 ? 7   DA  A "C1'"  1 
ATOM   219 N  N9     . DA  A 1 7 ? 0.715  -7.052  7.352   1.00 17.04 ? 7   DA  A N9     1 
ATOM   220 C  C8     . DA  A 1 7 ? -0.446 -6.953  6.608   1.00 15.09 ? 7   DA  A C8     1 
ATOM   221 N  N7     . DA  A 1 7 ? -0.870 -5.718  6.462   1.00 13.14 ? 7   DA  A N7     1 
ATOM   222 C  C5     . DA  A 1 7 ? 0.047  -4.961  7.186   1.00 14.61 ? 7   DA  A C5     1 
ATOM   223 C  C6     . DA  A 1 7 ? 0.159  -3.589  7.431   1.00 14.42 ? 7   DA  A C6     1 
ATOM   224 N  N6     . DA  A 1 7 ? -0.681 -2.683  6.947   1.00 13.77 ? 7   DA  A N6     1 
ATOM   225 N  N1     . DA  A 1 7 ? 1.195  -3.165  8.198   1.00 14.01 ? 7   DA  A N1     1 
ATOM   226 C  C2     . DA  A 1 7 ? 2.048  -4.070  8.670   1.00 14.66 ? 7   DA  A C2     1 
ATOM   227 N  N3     . DA  A 1 7 ? 2.051  -5.383  8.504   1.00 14.29 ? 7   DA  A N3     1 
ATOM   228 C  C4     . DA  A 1 7 ? 1.019  -5.769  7.741   1.00 15.47 ? 7   DA  A C4     1 
ATOM   229 D  DOP2   A DA  A 1 7 ? -3.182 -9.072  5.622   0.79 22.75 ? 7   DA  A DOP2   1 
ATOM   230 H  HOP2   B DA  A 1 7 ? -3.182 -9.072  5.622   0.21 22.75 ? 7   DA  A HOP2   1 
ATOM   231 H  "H5'"  . DA  A 1 7 ? 0.245  -11.613 5.748   1.00 17.63 ? 7   DA  A "H5'"  1 
ATOM   232 H  "H5''" . DA  A 1 7 ? -0.661 -12.022 7.226   1.00 18.60 ? 7   DA  A "H5''" 1 
ATOM   233 H  "H4'"  . DA  A 1 7 ? 1.588  -11.144 7.698   1.00 18.30 ? 7   DA  A "H4'"  1 
ATOM   234 H  "H3'"  . DA  A 1 7 ? -0.765 -9.546  8.706   1.00 17.97 ? 7   DA  A "H3'"  1 
ATOM   235 H  "H2'"  . DA  A 1 7 ? 0.806  -8.039  9.749   1.00 18.28 ? 7   DA  A "H2'"  1 
ATOM   236 H  "H2''" . DA  A 1 7 ? 2.137  -9.166  9.589   1.00 16.30 ? 7   DA  A "H2''" 1 
ATOM   237 H  "H1'"  . DA  A 1 7 ? 2.578  -7.987  7.561   1.00 17.98 ? 7   DA  A "H1'"  1 
ATOM   238 H  H8     . DA  A 1 7 ? -0.977 -7.812  6.212   1.00 16.21 ? 7   DA  A H8     1 
ATOM   239 D  D61    A DA  A 1 7 ? -1.440 -2.996  6.369   0.67 12.16 ? 7   DA  A D61    1 
ATOM   240 H  H61    B DA  A 1 7 ? -1.440 -2.996  6.369   0.33 12.16 ? 7   DA  A H61    1 
ATOM   241 D  D62    A DA  A 1 7 ? -0.533 -1.703  7.170   0.89 13.67 ? 7   DA  A D62    1 
ATOM   242 H  H62    B DA  A 1 7 ? -0.533 -1.703  7.170   0.11 13.67 ? 7   DA  A H62    1 
ATOM   243 H  H2     . DA  A 1 7 ? 2.858  -3.679  9.282   1.00 11.67 ? 7   DA  A H2     1 
ATOM   244 P  P      . DC  A 1 8 ? -0.773 -10.972 10.990  1.00 21.66 ? 8   DC  A P      1 
ATOM   245 O  OP1    . DC  A 1 8 ? -0.564 -12.227 11.757  1.00 22.94 ? 8   DC  A OP1    1 
ATOM   246 O  OP2    . DC  A 1 8 ? -2.115 -10.687 10.425  1.00 22.91 ? 8   DC  A OP2    1 
ATOM   247 O  "O5'"  . DC  A 1 8 ? -0.360 -9.759  11.937  1.00 21.63 ? 8   DC  A "O5'"  1 
ATOM   248 C  "C5'"  . DC  A 1 8 ? 0.850  -9.809  12.696  1.00 23.31 ? 8   DC  A "C5'"  1 
ATOM   249 C  "C4'"  . DC  A 1 8 ? 1.142  -8.455  13.298  1.00 24.77 ? 8   DC  A "C4'"  1 
ATOM   250 O  "O4'"  . DC  A 1 8 ? 1.091  -7.482  12.240  1.00 25.65 ? 8   DC  A "O4'"  1 
ATOM   251 C  "C3'"  . DC  A 1 8 ? 0.140  -7.963  14.345  1.00 27.61 ? 8   DC  A "C3'"  1 
ATOM   252 O  "O3'"  . DC  A 1 8 ? 0.622  -8.311  15.647  1.00 29.35 ? 8   DC  A "O3'"  1 
ATOM   253 C  "C2'"  . DC  A 1 8 ? 0.122  -6.451  14.165  1.00 25.78 ? 8   DC  A "C2'"  1 
ATOM   254 C  "C1'"  . DC  A 1 8 ? 0.682  -6.221  12.759  1.00 25.18 ? 8   DC  A "C1'"  1 
ATOM   255 N  N1     . DC  A 1 8 ? -0.285 -5.625  11.807  1.00 21.97 ? 8   DC  A N1     1 
ATOM   256 C  C2     . DC  A 1 8 ? -0.276 -4.232  11.642  1.00 19.49 ? 8   DC  A C2     1 
ATOM   257 O  O2     . DC  A 1 8 ? 0.496  -3.556  12.333  1.00 20.28 ? 8   DC  A O2     1 
ATOM   258 N  N3     . DC  A 1 8 ? -1.108 -3.666  10.750  1.00 18.31 ? 8   DC  A N3     1 
ATOM   259 C  C4     . DC  A 1 8 ? -1.937 -4.425  10.041  1.00 18.57 ? 8   DC  A C4     1 
ATOM   260 N  N4     . DC  A 1 8 ? -2.713 -3.825  9.167   1.00 18.99 ? 8   DC  A N4     1 
ATOM   261 C  C5     . DC  A 1 8 ? -1.995 -5.847  10.203  1.00 18.77 ? 8   DC  A C5     1 
ATOM   262 C  C6     . DC  A 1 8 ? -1.161 -6.396  11.094  1.00 18.48 ? 8   DC  A C6     1 
ATOM   263 H  "H5'"  . DC  A 1 8 ? 1.677  -10.096 12.044  1.00 22.24 ? 8   DC  A "H5'"  1 
ATOM   264 H  "H5''" . DC  A 1 8 ? 0.753  -10.551 13.493  1.00 23.39 ? 8   DC  A "H5''" 1 
ATOM   265 H  "H4'"  . DC  A 1 8 ? 2.119  -8.506  13.791  1.00 25.86 ? 8   DC  A "H4'"  1 
ATOM   266 H  "H3'"  . DC  A 1 8 ? -0.844 -8.407  14.198  1.00 26.85 ? 8   DC  A "H3'"  1 
ATOM   267 D  "DO3'" A DC  A 1 8 ? 0.188  -7.738  16.287  0.73 28.78 ? 8   DC  A "DO3'" 1 
ATOM   268 H  "HO3'" B DC  A 1 8 ? 0.188  -7.738  16.287  0.27 28.78 ? 8   DC  A "HO3'" 1 
ATOM   269 H  "H2'"  . DC  A 1 8 ? -0.890 -6.051  14.276  1.00 26.09 ? 8   DC  A "H2'"  1 
ATOM   270 H  "H2''" . DC  A 1 8 ? 0.738  -5.965  14.925  1.00 26.78 ? 8   DC  A "H2''" 1 
ATOM   271 H  "H1'"  . DC  A 1 8 ? 1.566  -5.581  12.791  1.00 23.86 ? 8   DC  A "H1'"  1 
ATOM   272 D  D41    A DC  A 1 8 ? -2.664 -2.822  9.048   0.61 18.95 ? 8   DC  A D41    1 
ATOM   273 H  H41    B DC  A 1 8 ? -2.664 -2.822  9.048   0.39 18.95 ? 8   DC  A H41    1 
ATOM   274 D  D42    . DC  A 1 8 ? -3.343 -4.402  8.620   1.00 21.96 ? 8   DC  A D42    1 
ATOM   275 H  H5     . DC  A 1 8 ? -2.683 -6.457  9.615   1.00 18.78 ? 8   DC  A H5     1 
ATOM   276 H  H6     . DC  A 1 8 ? -1.191 -7.475  11.257  1.00 19.72 ? 8   DC  A H6     1 
HETATM 277 MG MG     . MG  B 2 . ? 0.673  4.192   -0.915  0.50 34.29 ? 101 MG  A MG     1 
HETATM 278 O  O      . DOD C 3 . ? 8.626  10.783  -1.987  1.00 59.00 ? 201 DOD A O      1 
HETATM 279 D  D1     . DOD C 3 . ? 9.200  10.354  -2.620  1.00 59.60 ? 201 DOD A D1     1 
HETATM 280 D  D2     . DOD C 3 . ? 9.210  11.335  -1.467  1.00 59.49 ? 201 DOD A D2     1 
HETATM 281 O  O      . DOD C 3 . ? 7.933  4.383   -5.072  1.00 60.98 ? 202 DOD A O      1 
HETATM 282 D  D1     . DOD C 3 . ? 7.820  3.441   -5.205  1.00 61.61 ? 202 DOD A D1     1 
HETATM 283 D  D2     . DOD C 3 . ? 7.451  4.788   -5.793  1.00 61.69 ? 202 DOD A D2     1 
HETATM 284 O  O      . DOD C 3 . ? 2.269  2.830   -2.006  1.00 69.07 ? 203 DOD A O      1 
HETATM 285 D  D1     . DOD C 3 . ? 2.323  2.763   -2.960  1.00 69.48 ? 203 DOD A D1     1 
HETATM 286 D  D2     . DOD C 3 . ? 3.180  2.812   -1.713  1.00 68.82 ? 203 DOD A D2     1 
HETATM 287 O  O      . DOD C 3 . ? 4.502  10.444  -0.608  1.00 49.03 ? 204 DOD A O      1 
HETATM 288 D  D1     . DOD C 3 . ? 3.672  10.431  -1.084  1.00 50.53 ? 204 DOD A D1     1 
HETATM 289 D  D2     . DOD C 3 . ? 5.136  10.784  -1.240  1.00 49.95 ? 204 DOD A D2     1 
HETATM 290 O  O      . DOD C 3 . ? 8.770  7.340   -3.580  1.00 38.85 ? 205 DOD A O      1 
HETATM 291 D  D1     . DOD C 3 . ? 9.574  6.902   -3.298  1.00 39.47 ? 205 DOD A D1     1 
HETATM 292 D  D2     . DOD C 3 . ? 8.321  6.690   -4.121  1.00 38.51 ? 205 DOD A D2     1 
HETATM 293 O  O      . DOD C 3 . ? -3.291 -4.958  5.476   1.00 42.67 ? 206 DOD A O      1 
HETATM 294 D  D1     . DOD C 3 . ? -2.468 -5.237  5.876   1.00 44.01 ? 206 DOD A D1     1 
HETATM 295 D  D2     . DOD C 3 . ? -3.681 -5.766  5.142   1.00 44.02 ? 206 DOD A D2     1 
HETATM 296 O  O      . DOD C 3 . ? 1.931  -13.273 12.147  1.00 41.34 ? 207 DOD A O      1 
HETATM 297 D  D1     . DOD C 3 . ? 1.774  -13.434 13.080  1.00 41.95 ? 207 DOD A D1     1 
HETATM 298 D  D2     . DOD C 3 . ? 1.098  -13.480 11.726  1.00 42.99 ? 207 DOD A D2     1 
HETATM 299 O  O      . DOD C 3 . ? 3.784  -6.458  10.381  1.00 51.11 ? 208 DOD A O      1 
HETATM 300 D  D1     . DOD C 3 . ? 3.503  -5.939  11.134  1.00 51.17 ? 208 DOD A D1     1 
HETATM 301 D  D2     . DOD C 3 . ? 3.224  -6.163  9.663   1.00 52.33 ? 208 DOD A D2     1 
HETATM 302 O  O      . DOD C 3 . ? 1.183  5.287   -2.417  1.00 41.49 ? 209 DOD A O      1 
HETATM 303 D  D1     . DOD C 3 . ? 0.792  6.158   -2.351  1.00 42.94 ? 209 DOD A D1     1 
HETATM 304 D  D2     . DOD C 3 . ? 0.829  4.926   -3.230  1.00 42.06 ? 209 DOD A D2     1 
HETATM 305 O  O      . DOD C 3 . ? 5.171  4.151   -2.627  0.50 34.57 ? 210 DOD A O      1 
HETATM 306 D  D1     . DOD C 3 . ? 4.925  3.802   -3.484  0.50 34.23 ? 210 DOD A D1     1 
HETATM 307 D  D2     . DOD C 3 . ? 4.350  4.469   -2.254  0.50 33.71 ? 210 DOD A D2     1 
HETATM 308 O  O      . DOD C 3 . ? 2.445  9.722   -11.227 1.00 58.60 ? 211 DOD A O      1 
HETATM 309 D  D1     . DOD C 3 . ? 2.050  9.401   -12.039 1.00 59.24 ? 211 DOD A D1     1 
HETATM 310 D  D2     . DOD C 3 . ? 3.067  10.391  -11.513 1.00 58.88 ? 211 DOD A D2     1 
HETATM 311 O  O      . DOD C 3 . ? 1.271  13.878  -0.176  1.00 59.16 ? 212 DOD A O      1 
HETATM 312 D  D1     . DOD C 3 . ? 1.059  13.360  -0.954  1.00 59.44 ? 212 DOD A D1     1 
HETATM 313 D  D2     . DOD C 3 . ? 0.426  14.203  0.133   1.00 58.47 ? 212 DOD A D2     1 
HETATM 314 O  O      . DOD C 3 . ? -1.184 3.259   -1.501  1.00 52.99 ? 213 DOD A O      1 
HETATM 315 D  D1     . DOD C 3 . ? -1.138 2.701   -2.278  1.00 52.92 ? 213 DOD A D1     1 
HETATM 316 D  D2     . DOD C 3 . ? -1.380 2.655   -0.785  1.00 53.35 ? 213 DOD A D2     1 
HETATM 317 O  O      . DOD C 3 . ? -4.084 -8.680  9.662   0.50 32.75 ? 214 DOD A O      1 
HETATM 318 D  D1     . DOD C 3 . ? -5.019 -8.627  9.860   0.50 33.41 ? 214 DOD A D1     1 
HETATM 319 D  D2     . DOD C 3 . ? -3.659 -8.712  10.520  0.50 32.88 ? 214 DOD A D2     1 
HETATM 320 O  O      . DOD C 3 . ? -4.921 -3.967  1.734   1.00 52.94 ? 215 DOD A O      1 
HETATM 321 D  D1     . DOD C 3 . ? -5.344 -3.436  1.058   1.00 52.26 ? 215 DOD A D1     1 
HETATM 322 D  D2     . DOD C 3 . ? -4.016 -3.657  1.751   1.00 53.37 ? 215 DOD A D2     1 
HETATM 323 O  O      . DOD C 3 . ? 0.256  7.938   -2.032  1.00 42.72 ? 216 DOD A O      1 
HETATM 324 D  D1     . DOD C 3 . ? -0.679 8.129   -1.952  1.00 43.82 ? 216 DOD A D1     1 
HETATM 325 D  D2     . DOD C 3 . ? 0.665  8.793   -2.168  1.00 43.66 ? 216 DOD A D2     1 
HETATM 326 O  O      . DOD C 3 . ? 3.444  -3.442  12.891  1.00 61.62 ? 217 DOD A O      1 
HETATM 327 D  D1     . DOD C 3 . ? 2.602  -3.873  12.742  1.00 61.92 ? 217 DOD A D1     1 
HETATM 328 D  D2     . DOD C 3 . ? 3.329  -2.975  13.717  1.00 61.36 ? 217 DOD A D2     1 
HETATM 329 O  O      . DOD C 3 . ? -3.040 -1.512  3.095   1.00 47.98 ? 218 DOD A O      1 
HETATM 330 D  D1     . DOD C 3 . ? -3.115 -1.942  2.244   1.00 48.19 ? 218 DOD A D1     1 
HETATM 331 D  D2     . DOD C 3 . ? -3.157 -0.581  2.903   1.00 48.01 ? 218 DOD A D2     1 
HETATM 332 O  O      . DOD C 3 . ? -4.553 -7.099  4.192   1.00 41.78 ? 219 DOD A O      1 
HETATM 333 D  D1     . DOD C 3 . ? -5.213 -6.877  3.535   1.00 42.90 ? 219 DOD A D1     1 
HETATM 334 D  D2     . DOD C 3 . ? -4.675 -8.035  4.347   1.00 41.29 ? 219 DOD A D2     1 
HETATM 335 O  O      . DOD C 3 . ? -2.702 5.260   -1.750  0.50 25.63 ? 220 DOD A O      1 
HETATM 336 D  D1     . DOD C 3 . ? -2.165 5.933   -2.169  0.50 26.05 ? 220 DOD A D1     1 
HETATM 337 D  D2     . DOD C 3 . ? -2.212 4.448   -1.881  0.50 25.25 ? 220 DOD A D2     1 
HETATM 338 O  O      . DOD C 3 . ? -7.353 7.449   -3.037  1.00 53.04 ? 221 DOD A O      1 
HETATM 339 D  D1     . DOD C 3 . ? -6.417 7.470   -3.245  1.00 52.21 ? 221 DOD A D1     1 
HETATM 340 D  D2     . DOD C 3 . ? -7.779 7.792   -3.822  1.00 53.01 ? 221 DOD A D2     1 
HETATM 341 O  O      . DOD C 3 . ? -1.321 5.822   -10.294 1.00 60.04 ? 222 DOD A O      1 
HETATM 342 D  D1     . DOD C 3 . ? -0.621 5.255   -10.615 1.00 59.46 ? 222 DOD A D1     1 
HETATM 343 D  D2     . DOD C 3 . ? -1.087 6.001   -9.382  1.00 60.33 ? 222 DOD A D2     1 
HETATM 344 O  O      . DOD C 3 . ? 1.252  2.514   0.453   0.50 47.20 ? 223 DOD A O      1 
HETATM 345 D  D1     . DOD C 3 . ? 2.092  2.314   0.038   0.50 47.33 ? 223 DOD A D1     1 
HETATM 346 D  D2     . DOD C 3 . ? 1.269  2.026   1.276   0.50 47.44 ? 223 DOD A D2     1 
HETATM 347 O  O      . DOD C 3 . ? -3.469 -2.601  5.205   1.00 56.83 ? 224 DOD A O      1 
HETATM 348 D  D1     . DOD C 3 . ? -3.546 -2.486  4.257   1.00 57.30 ? 224 DOD A D1     1 
HETATM 349 D  D2     . DOD C 3 . ? -3.589 -3.542  5.343   1.00 57.32 ? 224 DOD A D2     1 
HETATM 350 O  O      . DOD C 3 . ? -3.894 -7.376  7.607   1.00 60.06 ? 225 DOD A O      1 
HETATM 351 D  D1     . DOD C 3 . ? -3.877 -7.455  8.562   1.00 60.57 ? 225 DOD A D1     1 
HETATM 352 D  D2     . DOD C 3 . ? -4.350 -8.163  7.308   1.00 59.85 ? 225 DOD A D2     1 
HETATM 353 O  O      . DOD C 3 . ? -1.748 1.823   2.294   0.50 38.07 ? 226 DOD A O      1 
HETATM 354 D  D1     . DOD C 3 . ? -1.735 1.939   1.345   0.50 37.37 ? 226 DOD A D1     1 
HETATM 355 D  D2     . DOD C 3 . ? -1.143 2.488   2.625   0.50 37.49 ? 226 DOD A D2     1 
HETATM 356 O  O      . DOD C 3 . ? 7.149  6.185   -2.186  1.00 56.28 ? 227 DOD A O      1 
HETATM 357 D  D1     . DOD C 3 . ? 7.735  6.834   -2.575  1.00 55.78 ? 227 DOD A D1     1 
HETATM 358 D  D2     . DOD C 3 . ? 6.756  6.635   -1.438  1.00 56.15 ? 227 DOD A D2     1 
HETATM 359 O  O      . DOD C 3 . ? -0.823 5.498   0.242   0.50 21.64 ? 228 DOD A O      1 
HETATM 360 D  D1     . DOD C 3 . ? -0.401 6.353   0.315   0.50 19.75 ? 228 DOD A D1     1 
HETATM 361 D  D2     . DOD C 3 . ? -1.626 5.667   -0.251  0.50 19.53 ? 228 DOD A D2     1 
HETATM 362 O  O      . DOD C 3 . ? 2.497  5.314   0.058   1.00 90.11 ? 229 DOD A O      1 
HETATM 363 D  D1     . DOD C 3 . ? 3.325  4.941   -0.247  1.00 90.08 ? 229 DOD A D1     1 
HETATM 364 D  D2     . DOD C 3 . ? 2.729  5.800   0.849   1.00 90.31 ? 229 DOD A D2     1 
# 
loop_
_pdbx_poly_seq_scheme.asym_id 
_pdbx_poly_seq_scheme.entity_id 
_pdbx_poly_seq_scheme.seq_id 
_pdbx_poly_seq_scheme.mon_id 
_pdbx_poly_seq_scheme.ndb_seq_num 
_pdbx_poly_seq_scheme.pdb_seq_num 
_pdbx_poly_seq_scheme.auth_seq_num 
_pdbx_poly_seq_scheme.pdb_mon_id 
_pdbx_poly_seq_scheme.auth_mon_id 
_pdbx_poly_seq_scheme.pdb_strand_id 
_pdbx_poly_seq_scheme.pdb_ins_code 
_pdbx_poly_seq_scheme.hetero 
A 1 1 DG  1 1 1 DG  GUA A . n 
A 1 2 DT  2 2 2 DT  THY A . n 
A 1 3 DG  3 3 3 DG  GUA A . n 
A 1 4 DG  4 4 4 DG  GUA A . n 
A 1 5 CSL 5 5 5 CSL SEC A . n 
A 1 6 DC  6 6 6 DC  CYT A . n 
A 1 7 DA  7 7 7 DA  ADE A . n 
A 1 8 DC  8 8 8 DC  CYT A . n 
# 
loop_
_pdbx_nonpoly_scheme.asym_id 
_pdbx_nonpoly_scheme.entity_id 
_pdbx_nonpoly_scheme.mon_id 
_pdbx_nonpoly_scheme.ndb_seq_num 
_pdbx_nonpoly_scheme.pdb_seq_num 
_pdbx_nonpoly_scheme.auth_seq_num 
_pdbx_nonpoly_scheme.pdb_mon_id 
_pdbx_nonpoly_scheme.auth_mon_id 
_pdbx_nonpoly_scheme.pdb_strand_id 
_pdbx_nonpoly_scheme.pdb_ins_code 
B 2 MG  1  101 11   MG  MG  A . 
C 3 DOD 1  201 1017 DOD DOD A . 
C 3 DOD 2  202 1024 DOD DOD A . 
C 3 DOD 3  203 1005 DOD DOD A . 
C 3 DOD 4  204 1016 DOD DOD A . 
C 3 DOD 5  205 1020 DOD DOD A . 
C 3 DOD 6  206 1011 DOD DOD A . 
C 3 DOD 7  207 1012 DOD DOD A . 
C 3 DOD 8  208 1015 DOD DOD A . 
C 3 DOD 9  209 1004 DOD DOD A . 
C 3 DOD 10 210 1021 DOD DOD A . 
C 3 DOD 11 211 1014 DOD DOD A . 
C 3 DOD 12 212 1023 DOD DOD A . 
C 3 DOD 13 213 1001 DOD DOD A . 
C 3 DOD 14 214 1013 DOD DOD A . 
C 3 DOD 15 215 1022 DOD DOD A . 
C 3 DOD 16 216 1007 DOD DOD A . 
C 3 DOD 17 217 1027 DOD DOD A . 
C 3 DOD 18 218 1019 DOD DOD A . 
C 3 DOD 19 219 1009 DOD DOD A . 
C 3 DOD 20 220 1006 DOD DOD A . 
C 3 DOD 21 221 1010 DOD DOD A . 
C 3 DOD 22 222 1008 DOD DOD A . 
C 3 DOD 23 223 1025 DOD DOD A . 
C 3 DOD 24 224 1018 DOD DOD A . 
C 3 DOD 25 225 1029 DOD DOD A . 
C 3 DOD 26 226 1026 DOD DOD A . 
C 3 DOD 27 227 1028 DOD DOD A . 
C 3 DOD 28 228 1002 DOD DOD A . 
C 3 DOD 29 229 1003 DOD DOD A . 
# 
_pdbx_struct_assembly.id                   1 
_pdbx_struct_assembly.details              author_and_software_defined_assembly 
_pdbx_struct_assembly.method_details       PISA 
_pdbx_struct_assembly.oligomeric_details   dimeric 
_pdbx_struct_assembly.oligomeric_count     2 
# 
_pdbx_struct_assembly_gen.assembly_id       1 
_pdbx_struct_assembly_gen.oper_expression   1,2 
_pdbx_struct_assembly_gen.asym_id_list      A,B,C 
# 
loop_
_pdbx_struct_assembly_prop.biol_id 
_pdbx_struct_assembly_prop.type 
_pdbx_struct_assembly_prop.value 
_pdbx_struct_assembly_prop.details 
1 'ABSA (A^2)' 9080 ? 
1 MORE         -28  ? 
1 'SSA (A^2)'  3250 ? 
# 
loop_
_pdbx_struct_oper_list.id 
_pdbx_struct_oper_list.type 
_pdbx_struct_oper_list.name 
_pdbx_struct_oper_list.symmetry_operation 
_pdbx_struct_oper_list.matrix[1][1] 
_pdbx_struct_oper_list.matrix[1][2] 
_pdbx_struct_oper_list.matrix[1][3] 
_pdbx_struct_oper_list.vector[1] 
_pdbx_struct_oper_list.matrix[2][1] 
_pdbx_struct_oper_list.matrix[2][2] 
_pdbx_struct_oper_list.matrix[2][3] 
_pdbx_struct_oper_list.vector[2] 
_pdbx_struct_oper_list.matrix[3][1] 
_pdbx_struct_oper_list.matrix[3][2] 
_pdbx_struct_oper_list.matrix[3][3] 
_pdbx_struct_oper_list.vector[3] 
1 'identity operation'         1_555 x,y,z        1.0000000000  0.0000000000  0.0000000000  0.0000000000 0.0000000000  1.0000000000 0.0000000000 0.0000000000  0.0000000000  0.0000000000 1.0000000000  0.0000000000 
2 'crystal symmetry operation' 8_554 -y,-x,-z-1/2 -0.9992578974 -0.0359630087 -0.0137955227 4.2845425800 -0.0359630087 0.7428021816 0.6685443748 -0.0288559695 -0.0137955227 0.6685443748 -0.7435442841 0.3057019045 
# 
loop_
_pdbx_struct_conn_angle.id 
_pdbx_struct_conn_angle.ptnr1_label_atom_id 
_pdbx_struct_conn_angle.ptnr1_label_alt_id 
_pdbx_struct_conn_angle.ptnr1_label_asym_id 
_pdbx_struct_conn_angle.ptnr1_label_comp_id 
_pdbx_struct_conn_angle.ptnr1_label_seq_id 
_pdbx_struct_conn_angle.ptnr1_auth_atom_id 
_pdbx_struct_conn_angle.ptnr1_auth_asym_id 
_pdbx_struct_conn_angle.ptnr1_auth_comp_id 
_pdbx_struct_conn_angle.ptnr1_auth_seq_id 
_pdbx_struct_conn_angle.ptnr1_PDB_ins_code 
_pdbx_struct_conn_angle.ptnr1_symmetry 
_pdbx_struct_conn_angle.ptnr2_label_atom_id 
_pdbx_struct_conn_angle.ptnr2_label_alt_id 
_pdbx_struct_conn_angle.ptnr2_label_asym_id 
_pdbx_struct_conn_angle.ptnr2_label_comp_id 
_pdbx_struct_conn_angle.ptnr2_label_seq_id 
_pdbx_struct_conn_angle.ptnr2_auth_atom_id 
_pdbx_struct_conn_angle.ptnr2_auth_asym_id 
_pdbx_struct_conn_angle.ptnr2_auth_comp_id 
_pdbx_struct_conn_angle.ptnr2_auth_seq_id 
_pdbx_struct_conn_angle.ptnr2_PDB_ins_code 
_pdbx_struct_conn_angle.ptnr2_symmetry 
_pdbx_struct_conn_angle.ptnr3_label_atom_id 
_pdbx_struct_conn_angle.ptnr3_label_alt_id 
_pdbx_struct_conn_angle.ptnr3_label_asym_id 
_pdbx_struct_conn_angle.ptnr3_label_comp_id 
_pdbx_struct_conn_angle.ptnr3_label_seq_id 
_pdbx_struct_conn_angle.ptnr3_auth_atom_id 
_pdbx_struct_conn_angle.ptnr3_auth_asym_id 
_pdbx_struct_conn_angle.ptnr3_auth_comp_id 
_pdbx_struct_conn_angle.ptnr3_auth_seq_id 
_pdbx_struct_conn_angle.ptnr3_PDB_ins_code 
_pdbx_struct_conn_angle.ptnr3_symmetry 
_pdbx_struct_conn_angle.value 
_pdbx_struct_conn_angle.value_esd 
1  O ? C DOD . ? A DOD 203 ? 1_555 MG ? B MG . ? A MG 101 ? 1_555 O ? C DOD . ? A DOD 209 ? 1_555 77.8  ? 
2  O ? C DOD . ? A DOD 203 ? 1_555 MG ? B MG . ? A MG 101 ? 1_555 O ? C DOD . ? A DOD 213 ? 1_555 101.9 ? 
3  O ? C DOD . ? A DOD 209 ? 1_555 MG ? B MG . ? A MG 101 ? 1_555 O ? C DOD . ? A DOD 213 ? 1_555 105.1 ? 
4  O ? C DOD . ? A DOD 203 ? 1_555 MG ? B MG . ? A MG 101 ? 1_555 O ? C DOD . ? A DOD 223 ? 1_555 71.1  ? 
5  O ? C DOD . ? A DOD 209 ? 1_555 MG ? B MG . ? A MG 101 ? 1_555 O ? C DOD . ? A DOD 223 ? 1_555 146.4 ? 
6  O ? C DOD . ? A DOD 213 ? 1_555 MG ? B MG . ? A MG 101 ? 1_555 O ? C DOD . ? A DOD 223 ? 1_555 93.7  ? 
7  O ? C DOD . ? A DOD 203 ? 1_555 MG ? B MG . ? A MG 101 ? 1_555 O ? C DOD . ? A DOD 228 ? 1_555 177.2 ? 
8  O ? C DOD . ? A DOD 209 ? 1_555 MG ? B MG . ? A MG 101 ? 1_555 O ? C DOD . ? A DOD 228 ? 1_555 104.0 ? 
9  O ? C DOD . ? A DOD 213 ? 1_555 MG ? B MG . ? A MG 101 ? 1_555 O ? C DOD . ? A DOD 228 ? 1_555 79.8  ? 
10 O ? C DOD . ? A DOD 223 ? 1_555 MG ? B MG . ? A MG 101 ? 1_555 O ? C DOD . ? A DOD 228 ? 1_555 106.7 ? 
11 O ? C DOD . ? A DOD 203 ? 1_555 MG ? B MG . ? A MG 101 ? 1_555 O ? C DOD . ? A DOD 229 ? 1_555 86.7  ? 
12 O ? C DOD . ? A DOD 209 ? 1_555 MG ? B MG . ? A MG 101 ? 1_555 O ? C DOD . ? A DOD 229 ? 1_555 81.1  ? 
13 O ? C DOD . ? A DOD 213 ? 1_555 MG ? B MG . ? A MG 101 ? 1_555 O ? C DOD . ? A DOD 229 ? 1_555 170.2 ? 
14 O ? C DOD . ? A DOD 223 ? 1_555 MG ? B MG . ? A MG 101 ? 1_555 O ? C DOD . ? A DOD 229 ? 1_555 84.5  ? 
15 O ? C DOD . ? A DOD 228 ? 1_555 MG ? B MG . ? A MG 101 ? 1_555 O ? C DOD . ? A DOD 229 ? 1_555 91.5  ? 
# 
loop_
_pdbx_audit_revision_history.ordinal 
_pdbx_audit_revision_history.data_content_type 
_pdbx_audit_revision_history.major_revision 
_pdbx_audit_revision_history.minor_revision 
_pdbx_audit_revision_history.revision_date 
1 'Structure model' 1 0 2018-10-17 
2 'Structure model' 1 1 2018-12-19 
3 'Structure model' 1 2 2019-04-17 
4 'Structure model' 2 0 2022-03-02 
5 'Structure model' 2 1 2023-10-04 
# 
_pdbx_audit_revision_details.ordinal             1 
_pdbx_audit_revision_details.revision_ordinal    1 
_pdbx_audit_revision_details.data_content_type   'Structure model' 
_pdbx_audit_revision_details.provider            repository 
_pdbx_audit_revision_details.type                'Initial release' 
_pdbx_audit_revision_details.description         ? 
_pdbx_audit_revision_details.details             ? 
# 
loop_
_pdbx_audit_revision_group.ordinal 
_pdbx_audit_revision_group.revision_ordinal 
_pdbx_audit_revision_group.data_content_type 
_pdbx_audit_revision_group.group 
1  2 'Structure model' 'Data collection'            
2  2 'Structure model' 'Database references'        
3  3 'Structure model' 'Author supporting evidence' 
4  3 'Structure model' 'Data collection'            
5  4 'Structure model' Advisory                     
6  4 'Structure model' 'Data collection'            
7  4 'Structure model' 'Database references'        
8  4 'Structure model' 'Derived calculations'       
9  4 'Structure model' 'Polymer sequence'           
10 4 'Structure model' 'Refinement description'     
11 4 'Structure model' 'Structure summary'          
12 5 'Structure model' 'Data collection'            
13 5 'Structure model' 'Refinement description'     
# 
loop_
_pdbx_audit_revision_category.ordinal 
_pdbx_audit_revision_category.revision_ordinal 
_pdbx_audit_revision_category.data_content_type 
_pdbx_audit_revision_category.category 
1  2 'Structure model' citation                      
2  3 'Structure model' pdbx_audit_support            
3  4 'Structure model' database_2                    
4  4 'Structure model' diffrn_radiation_wavelength   
5  4 'Structure model' diffrn_source                 
6  4 'Structure model' entity                        
7  4 'Structure model' entity_poly                   
8  4 'Structure model' pdbx_struct_conn_angle        
9  4 'Structure model' pdbx_unobs_or_zero_occ_atoms  
10 4 'Structure model' refine_hist                   
11 4 'Structure model' struct_conn                   
12 5 'Structure model' chem_comp_atom                
13 5 'Structure model' chem_comp_bond                
14 5 'Structure model' pdbx_initial_refinement_model 
# 
loop_
_pdbx_audit_revision_item.ordinal 
_pdbx_audit_revision_item.revision_ordinal 
_pdbx_audit_revision_item.data_content_type 
_pdbx_audit_revision_item.item 
1  2 'Structure model' '_citation.journal_volume'                  
2  2 'Structure model' '_citation.page_first'                      
3  4 'Structure model' '_database_2.pdbx_DOI'                      
4  4 'Structure model' '_database_2.pdbx_database_accession'       
5  4 'Structure model' '_diffrn_source.pdbx_synchrotron_beamline'  
6  4 'Structure model' '_diffrn_source.pdbx_synchrotron_site'      
7  4 'Structure model' '_entity.formula_weight'                    
8  4 'Structure model' '_entity_poly.type'                         
9  4 'Structure model' '_pdbx_struct_conn_angle.ptnr1_auth_seq_id' 
10 4 'Structure model' '_pdbx_struct_conn_angle.ptnr3_auth_seq_id' 
11 4 'Structure model' '_pdbx_struct_conn_angle.value'             
12 4 'Structure model' '_refine_hist.d_res_low'                    
13 4 'Structure model' '_struct_conn.pdbx_dist_value'              
14 4 'Structure model' '_struct_conn.ptnr2_auth_seq_id'            
# 
loop_
_software.citation_id 
_software.classification 
_software.compiler_name 
_software.compiler_version 
_software.contact_author 
_software.contact_author_email 
_software.date 
_software.description 
_software.dependencies 
_software.hardware 
_software.language 
_software.location 
_software.mods 
_software.name 
_software.os 
_software.os_version 
_software.type 
_software.version 
_software.pdbx_ordinal 
? refinement       ? ? ? ? ? ? ? ? ? ? ? nCNS     ? ? ? 1.0.0 1 
? 'data reduction' ? ? ? ? ? ? ? ? ? ? ? HKL-3000 ? ? ? .     2 
? 'data scaling'   ? ? ? ? ? ? ? ? ? ? ? HKL-3000 ? ? ? .     3 
? phasing          ? ? ? ? ? ? ? ? ? ? ? PHASER   ? ? ? .     4 
? 'data reduction' ? ? ? ? ? ? ? ? ? ? ? LAUEGEN  ? ? ? .     5 
? 'data scaling'   ? ? ? ? ? ? ? ? ? ? ? LSCALE   ? ? ? .     6 
? phasing          ? ? ? ? ? ? ? ? ? ? ? CNS      ? ? ? .     7 
# 
loop_
_pdbx_validate_close_contact.id 
_pdbx_validate_close_contact.PDB_model_num 
_pdbx_validate_close_contact.auth_atom_id_1 
_pdbx_validate_close_contact.auth_asym_id_1 
_pdbx_validate_close_contact.auth_comp_id_1 
_pdbx_validate_close_contact.auth_seq_id_1 
_pdbx_validate_close_contact.PDB_ins_code_1 
_pdbx_validate_close_contact.label_alt_id_1 
_pdbx_validate_close_contact.auth_atom_id_2 
_pdbx_validate_close_contact.auth_asym_id_2 
_pdbx_validate_close_contact.auth_comp_id_2 
_pdbx_validate_close_contact.auth_seq_id_2 
_pdbx_validate_close_contact.PDB_ins_code_2 
_pdbx_validate_close_contact.label_alt_id_2 
_pdbx_validate_close_contact.dist 
1 1 O  A DOD 206 ? ? D2 A DOD 224 ? ? 1.45 
2 1 O  A DOD 205 ? ? D1 A DOD 227 ? ? 1.53 
3 1 O  A DOD 218 ? ? D1 A DOD 224 ? ? 1.60 
4 1 O6 A DG  1   ? ? D2 A DOD 202 ? ? 1.60 
# 
loop_
_chem_comp_atom.comp_id 
_chem_comp_atom.atom_id 
_chem_comp_atom.type_symbol 
_chem_comp_atom.pdbx_aromatic_flag 
_chem_comp_atom.pdbx_stereo_config 
_chem_comp_atom.pdbx_ordinal 
CSL P      P  N N 1   
CSL O2P    O  N N 2   
CSL O1P    O  N N 3   
CSL "O5'"  O  N N 4   
CSL "C5'"  C  N N 5   
CSL "C4'"  C  N R 6   
CSL "O4'"  O  N N 7   
CSL "C1'"  C  N R 8   
CSL N1     N  N N 9   
CSL C2     C  N N 10  
CSL O2     O  N N 11  
CSL N3     N  N N 12  
CSL C4     C  N N 13  
CSL N4     N  N N 14  
CSL C5     C  N N 15  
CSL C6     C  N N 16  
CSL "C2'"  C  N R 17  
CSL "SE2'" SE N N 18  
CSL "CA'"  C  N N 19  
CSL "C3'"  C  N R 20  
CSL "O3'"  O  N N 21  
CSL O3P    O  N N 22  
CSL HOP2   H  N N 23  
CSL "H5'1" H  N N 24  
CSL "H5'2" H  N N 25  
CSL "H4'"  H  N N 26  
CSL "H1'"  H  N N 27  
CSL HN41   H  N N 28  
CSL HN42   H  N N 29  
CSL H5     H  N N 30  
CSL H6     H  N N 31  
CSL "H2'"  H  N N 32  
CSL "HA'1" H  N N 33  
CSL "HA'2" H  N N 34  
CSL "HA'3" H  N N 35  
CSL "H3'"  H  N N 36  
CSL H3T    H  N N 37  
CSL HOP3   H  N N 38  
DA  OP3    O  N N 39  
DA  P      P  N N 40  
DA  OP1    O  N N 41  
DA  OP2    O  N N 42  
DA  "O5'"  O  N N 43  
DA  "C5'"  C  N N 44  
DA  "C4'"  C  N R 45  
DA  "O4'"  O  N N 46  
DA  "C3'"  C  N S 47  
DA  "O3'"  O  N N 48  
DA  "C2'"  C  N N 49  
DA  "C1'"  C  N R 50  
DA  N9     N  Y N 51  
DA  C8     C  Y N 52  
DA  N7     N  Y N 53  
DA  C5     C  Y N 54  
DA  C6     C  Y N 55  
DA  N6     N  N N 56  
DA  N1     N  Y N 57  
DA  C2     C  Y N 58  
DA  N3     N  Y N 59  
DA  C4     C  Y N 60  
DA  HOP3   H  N N 61  
DA  HOP2   H  N N 62  
DA  "H5'"  H  N N 63  
DA  "H5''" H  N N 64  
DA  "H4'"  H  N N 65  
DA  "H3'"  H  N N 66  
DA  "HO3'" H  N N 67  
DA  "H2'"  H  N N 68  
DA  "H2''" H  N N 69  
DA  "H1'"  H  N N 70  
DA  H8     H  N N 71  
DA  H61    H  N N 72  
DA  H62    H  N N 73  
DA  H2     H  N N 74  
DC  OP3    O  N N 75  
DC  P      P  N N 76  
DC  OP1    O  N N 77  
DC  OP2    O  N N 78  
DC  "O5'"  O  N N 79  
DC  "C5'"  C  N N 80  
DC  "C4'"  C  N R 81  
DC  "O4'"  O  N N 82  
DC  "C3'"  C  N S 83  
DC  "O3'"  O  N N 84  
DC  "C2'"  C  N N 85  
DC  "C1'"  C  N R 86  
DC  N1     N  N N 87  
DC  C2     C  N N 88  
DC  O2     O  N N 89  
DC  N3     N  N N 90  
DC  C4     C  N N 91  
DC  N4     N  N N 92  
DC  C5     C  N N 93  
DC  C6     C  N N 94  
DC  HOP3   H  N N 95  
DC  HOP2   H  N N 96  
DC  "H5'"  H  N N 97  
DC  "H5''" H  N N 98  
DC  "H4'"  H  N N 99  
DC  "H3'"  H  N N 100 
DC  "HO3'" H  N N 101 
DC  "H2'"  H  N N 102 
DC  "H2''" H  N N 103 
DC  "H1'"  H  N N 104 
DC  H41    H  N N 105 
DC  H42    H  N N 106 
DC  H5     H  N N 107 
DC  H6     H  N N 108 
DG  OP3    O  N N 109 
DG  P      P  N N 110 
DG  OP1    O  N N 111 
DG  OP2    O  N N 112 
DG  "O5'"  O  N N 113 
DG  "C5'"  C  N N 114 
DG  "C4'"  C  N R 115 
DG  "O4'"  O  N N 116 
DG  "C3'"  C  N S 117 
DG  "O3'"  O  N N 118 
DG  "C2'"  C  N N 119 
DG  "C1'"  C  N R 120 
DG  N9     N  Y N 121 
DG  C8     C  Y N 122 
DG  N7     N  Y N 123 
DG  C5     C  Y N 124 
DG  C6     C  N N 125 
DG  O6     O  N N 126 
DG  N1     N  N N 127 
DG  C2     C  N N 128 
DG  N2     N  N N 129 
DG  N3     N  N N 130 
DG  C4     C  Y N 131 
DG  HOP3   H  N N 132 
DG  HOP2   H  N N 133 
DG  "H5'"  H  N N 134 
DG  "H5''" H  N N 135 
DG  "H4'"  H  N N 136 
DG  "H3'"  H  N N 137 
DG  "HO3'" H  N N 138 
DG  "H2'"  H  N N 139 
DG  "H2''" H  N N 140 
DG  "H1'"  H  N N 141 
DG  H8     H  N N 142 
DG  H1     H  N N 143 
DG  H21    H  N N 144 
DG  H22    H  N N 145 
DOD O      O  N N 146 
DOD D1     D  N N 147 
DOD D2     D  N N 148 
DT  OP3    O  N N 149 
DT  P      P  N N 150 
DT  OP1    O  N N 151 
DT  OP2    O  N N 152 
DT  "O5'"  O  N N 153 
DT  "C5'"  C  N N 154 
DT  "C4'"  C  N R 155 
DT  "O4'"  O  N N 156 
DT  "C3'"  C  N S 157 
DT  "O3'"  O  N N 158 
DT  "C2'"  C  N N 159 
DT  "C1'"  C  N R 160 
DT  N1     N  N N 161 
DT  C2     C  N N 162 
DT  O2     O  N N 163 
DT  N3     N  N N 164 
DT  C4     C  N N 165 
DT  O4     O  N N 166 
DT  C5     C  N N 167 
DT  C7     C  N N 168 
DT  C6     C  N N 169 
DT  HOP3   H  N N 170 
DT  HOP2   H  N N 171 
DT  "H5'"  H  N N 172 
DT  "H5''" H  N N 173 
DT  "H4'"  H  N N 174 
DT  "H3'"  H  N N 175 
DT  "HO3'" H  N N 176 
DT  "H2'"  H  N N 177 
DT  "H2''" H  N N 178 
DT  "H1'"  H  N N 179 
DT  H3     H  N N 180 
DT  H71    H  N N 181 
DT  H72    H  N N 182 
DT  H73    H  N N 183 
DT  H6     H  N N 184 
MG  MG     MG N N 185 
# 
loop_
_chem_comp_bond.comp_id 
_chem_comp_bond.atom_id_1 
_chem_comp_bond.atom_id_2 
_chem_comp_bond.value_order 
_chem_comp_bond.pdbx_aromatic_flag 
_chem_comp_bond.pdbx_stereo_config 
_chem_comp_bond.pdbx_ordinal 
CSL P      O2P    sing N N 1   
CSL P      O1P    doub N N 2   
CSL P      "O5'"  sing N N 3   
CSL P      O3P    sing N N 4   
CSL O2P    HOP2   sing N N 5   
CSL "O5'"  "C5'"  sing N N 6   
CSL "C5'"  "C4'"  sing N N 7   
CSL "C5'"  "H5'1" sing N N 8   
CSL "C5'"  "H5'2" sing N N 9   
CSL "C4'"  "O4'"  sing N N 10  
CSL "C4'"  "C3'"  sing N N 11  
CSL "C4'"  "H4'"  sing N N 12  
CSL "O4'"  "C1'"  sing N N 13  
CSL "C1'"  N1     sing N N 14  
CSL "C1'"  "C2'"  sing N N 15  
CSL "C1'"  "H1'"  sing N N 16  
CSL N1     C2     sing N N 17  
CSL N1     C6     sing N N 18  
CSL C2     O2     doub N N 19  
CSL C2     N3     sing N N 20  
CSL N3     C4     doub N N 21  
CSL C4     N4     sing N N 22  
CSL C4     C5     sing N N 23  
CSL N4     HN41   sing N N 24  
CSL N4     HN42   sing N N 25  
CSL C5     C6     doub N N 26  
CSL C5     H5     sing N N 27  
CSL C6     H6     sing N N 28  
CSL "C2'"  "SE2'" sing N N 29  
CSL "C2'"  "C3'"  sing N N 30  
CSL "C2'"  "H2'"  sing N N 31  
CSL "SE2'" "CA'"  sing N N 32  
CSL "CA'"  "HA'1" sing N N 33  
CSL "CA'"  "HA'2" sing N N 34  
CSL "CA'"  "HA'3" sing N N 35  
CSL "C3'"  "O3'"  sing N N 36  
CSL "C3'"  "H3'"  sing N N 37  
CSL "O3'"  H3T    sing N N 38  
CSL O3P    HOP3   sing N N 39  
DA  OP3    P      sing N N 40  
DA  OP3    HOP3   sing N N 41  
DA  P      OP1    doub N N 42  
DA  P      OP2    sing N N 43  
DA  P      "O5'"  sing N N 44  
DA  OP2    HOP2   sing N N 45  
DA  "O5'"  "C5'"  sing N N 46  
DA  "C5'"  "C4'"  sing N N 47  
DA  "C5'"  "H5'"  sing N N 48  
DA  "C5'"  "H5''" sing N N 49  
DA  "C4'"  "O4'"  sing N N 50  
DA  "C4'"  "C3'"  sing N N 51  
DA  "C4'"  "H4'"  sing N N 52  
DA  "O4'"  "C1'"  sing N N 53  
DA  "C3'"  "O3'"  sing N N 54  
DA  "C3'"  "C2'"  sing N N 55  
DA  "C3'"  "H3'"  sing N N 56  
DA  "O3'"  "HO3'" sing N N 57  
DA  "C2'"  "C1'"  sing N N 58  
DA  "C2'"  "H2'"  sing N N 59  
DA  "C2'"  "H2''" sing N N 60  
DA  "C1'"  N9     sing N N 61  
DA  "C1'"  "H1'"  sing N N 62  
DA  N9     C8     sing Y N 63  
DA  N9     C4     sing Y N 64  
DA  C8     N7     doub Y N 65  
DA  C8     H8     sing N N 66  
DA  N7     C5     sing Y N 67  
DA  C5     C6     sing Y N 68  
DA  C5     C4     doub Y N 69  
DA  C6     N6     sing N N 70  
DA  C6     N1     doub Y N 71  
DA  N6     H61    sing N N 72  
DA  N6     H62    sing N N 73  
DA  N1     C2     sing Y N 74  
DA  C2     N3     doub Y N 75  
DA  C2     H2     sing N N 76  
DA  N3     C4     sing Y N 77  
DC  OP3    P      sing N N 78  
DC  OP3    HOP3   sing N N 79  
DC  P      OP1    doub N N 80  
DC  P      OP2    sing N N 81  
DC  P      "O5'"  sing N N 82  
DC  OP2    HOP2   sing N N 83  
DC  "O5'"  "C5'"  sing N N 84  
DC  "C5'"  "C4'"  sing N N 85  
DC  "C5'"  "H5'"  sing N N 86  
DC  "C5'"  "H5''" sing N N 87  
DC  "C4'"  "O4'"  sing N N 88  
DC  "C4'"  "C3'"  sing N N 89  
DC  "C4'"  "H4'"  sing N N 90  
DC  "O4'"  "C1'"  sing N N 91  
DC  "C3'"  "O3'"  sing N N 92  
DC  "C3'"  "C2'"  sing N N 93  
DC  "C3'"  "H3'"  sing N N 94  
DC  "O3'"  "HO3'" sing N N 95  
DC  "C2'"  "C1'"  sing N N 96  
DC  "C2'"  "H2'"  sing N N 97  
DC  "C2'"  "H2''" sing N N 98  
DC  "C1'"  N1     sing N N 99  
DC  "C1'"  "H1'"  sing N N 100 
DC  N1     C2     sing N N 101 
DC  N1     C6     sing N N 102 
DC  C2     O2     doub N N 103 
DC  C2     N3     sing N N 104 
DC  N3     C4     doub N N 105 
DC  C4     N4     sing N N 106 
DC  C4     C5     sing N N 107 
DC  N4     H41    sing N N 108 
DC  N4     H42    sing N N 109 
DC  C5     C6     doub N N 110 
DC  C5     H5     sing N N 111 
DC  C6     H6     sing N N 112 
DG  OP3    P      sing N N 113 
DG  OP3    HOP3   sing N N 114 
DG  P      OP1    doub N N 115 
DG  P      OP2    sing N N 116 
DG  P      "O5'"  sing N N 117 
DG  OP2    HOP2   sing N N 118 
DG  "O5'"  "C5'"  sing N N 119 
DG  "C5'"  "C4'"  sing N N 120 
DG  "C5'"  "H5'"  sing N N 121 
DG  "C5'"  "H5''" sing N N 122 
DG  "C4'"  "O4'"  sing N N 123 
DG  "C4'"  "C3'"  sing N N 124 
DG  "C4'"  "H4'"  sing N N 125 
DG  "O4'"  "C1'"  sing N N 126 
DG  "C3'"  "O3'"  sing N N 127 
DG  "C3'"  "C2'"  sing N N 128 
DG  "C3'"  "H3'"  sing N N 129 
DG  "O3'"  "HO3'" sing N N 130 
DG  "C2'"  "C1'"  sing N N 131 
DG  "C2'"  "H2'"  sing N N 132 
DG  "C2'"  "H2''" sing N N 133 
DG  "C1'"  N9     sing N N 134 
DG  "C1'"  "H1'"  sing N N 135 
DG  N9     C8     sing Y N 136 
DG  N9     C4     sing Y N 137 
DG  C8     N7     doub Y N 138 
DG  C8     H8     sing N N 139 
DG  N7     C5     sing Y N 140 
DG  C5     C6     sing N N 141 
DG  C5     C4     doub Y N 142 
DG  C6     O6     doub N N 143 
DG  C6     N1     sing N N 144 
DG  N1     C2     sing N N 145 
DG  N1     H1     sing N N 146 
DG  C2     N2     sing N N 147 
DG  C2     N3     doub N N 148 
DG  N2     H21    sing N N 149 
DG  N2     H22    sing N N 150 
DG  N3     C4     sing N N 151 
DOD O      D1     sing N N 152 
DOD O      D2     sing N N 153 
DT  OP3    P      sing N N 154 
DT  OP3    HOP3   sing N N 155 
DT  P      OP1    doub N N 156 
DT  P      OP2    sing N N 157 
DT  P      "O5'"  sing N N 158 
DT  OP2    HOP2   sing N N 159 
DT  "O5'"  "C5'"  sing N N 160 
DT  "C5'"  "C4'"  sing N N 161 
DT  "C5'"  "H5'"  sing N N 162 
DT  "C5'"  "H5''" sing N N 163 
DT  "C4'"  "O4'"  sing N N 164 
DT  "C4'"  "C3'"  sing N N 165 
DT  "C4'"  "H4'"  sing N N 166 
DT  "O4'"  "C1'"  sing N N 167 
DT  "C3'"  "O3'"  sing N N 168 
DT  "C3'"  "C2'"  sing N N 169 
DT  "C3'"  "H3'"  sing N N 170 
DT  "O3'"  "HO3'" sing N N 171 
DT  "C2'"  "C1'"  sing N N 172 
DT  "C2'"  "H2'"  sing N N 173 
DT  "C2'"  "H2''" sing N N 174 
DT  "C1'"  N1     sing N N 175 
DT  "C1'"  "H1'"  sing N N 176 
DT  N1     C2     sing N N 177 
DT  N1     C6     sing N N 178 
DT  C2     O2     doub N N 179 
DT  C2     N3     sing N N 180 
DT  N3     C4     sing N N 181 
DT  N3     H3     sing N N 182 
DT  C4     O4     doub N N 183 
DT  C4     C5     sing N N 184 
DT  C5     C7     sing N N 185 
DT  C5     C6     doub N N 186 
DT  C7     H71    sing N N 187 
DT  C7     H72    sing N N 188 
DT  C7     H73    sing N N 189 
DT  C6     H6     sing N N 190 
# 
loop_
_pdbx_entity_nonpoly.entity_id 
_pdbx_entity_nonpoly.name 
_pdbx_entity_nonpoly.comp_id 
2 'MAGNESIUM ION' MG  
3 water           DOD 
# 
_pdbx_initial_refinement_model.id               1 
_pdbx_initial_refinement_model.entity_id_list   ? 
_pdbx_initial_refinement_model.type             'experimental model' 
_pdbx_initial_refinement_model.source_name      PDB 
_pdbx_initial_refinement_model.accession_code   4FP6 
_pdbx_initial_refinement_model.details          ? 
# 
_pdbx_struct_assembly_auth_evidence.id                     1 
_pdbx_struct_assembly_auth_evidence.assembly_id            1 
_pdbx_struct_assembly_auth_evidence.experimental_support   none 
_pdbx_struct_assembly_auth_evidence.details                ? 
# 
loop_
_refine_funct_minimized.pdbx_refine_id 
_refine_funct_minimized.type 
'X-RAY DIFFRACTION'   'Joint X-ray/neutron ML' 
'NEUTRON DIFFRACTION' 'Joint X-ray/neutron ML' 
# 
